data_4A94
#
_entry.id   4A94
#
_cell.length_a   69.220
_cell.length_b   71.980
_cell.length_c   79.840
_cell.angle_alpha   90.00
_cell.angle_beta   108.84
_cell.angle_gamma   90.00
#
_symmetry.space_group_name_H-M   'P 1 21 1'
#
loop_
_entity.id
_entity.type
_entity.pdbx_description
1 polymer 'CARBOXYPEPTIDASE A4'
2 polymer 'CARBOXYPEPTIDASE INHIBITOR'
3 non-polymer 'ZINC ION'
4 non-polymer 'NITRATE ION'
5 water water
#
loop_
_entity_poly.entity_id
_entity_poly.type
_entity_poly.pdbx_seq_one_letter_code
_entity_poly.pdbx_strand_id
1 'polypeptide(L)'
;ERSSNNFNYGAYHSLEAIYHEMDNIAADFPDLARRVKIGHSFENRPMYVLKFSTGKGVRRPAVWLNAGIHSREWISQATA
IWTARKIVSDYQRDPAITSILEKMDIFLLPVANPDGYVYTQTQNRLWRKTRSRNPGSSCIGADPNRNWNASFAGKGASDN
PCSEVYHGPHANSEVEVKSVVDFIQKHGNFKGFIDLHSYSQLLMYPYGYSVKKAPDAEELDKVARLAAKALASVSGTEYQ
VGPTCTTVYPASGSSIDWAYDNGIKFAFTFELRDTGTYGFLLPANQIIPTAEETWLGLKTIMEHVRDNLY
;
A,B
2 'polypeptide(L)' FHVPDDRPCINPGRCPLVPDATCTFVCKAADNDFGYECQHVWTFEGQRVGCYA C,D
#
# COMPACT_ATOMS: atom_id res chain seq x y z
N PHE A 7 35.64 8.62 -10.21
CA PHE A 7 34.62 7.75 -9.63
C PHE A 7 33.31 8.08 -10.29
N ASN A 8 32.89 7.20 -11.19
CA ASN A 8 31.66 7.42 -11.93
C ASN A 8 30.45 7.07 -11.06
N TYR A 9 29.71 8.09 -10.62
CA TYR A 9 28.58 7.85 -9.74
C TYR A 9 27.42 7.15 -10.45
N GLY A 10 27.53 7.03 -11.77
CA GLY A 10 26.53 6.34 -12.59
C GLY A 10 26.89 4.89 -12.92
N ALA A 11 27.84 4.33 -12.19
CA ALA A 11 28.21 2.92 -12.32
C ALA A 11 28.25 2.27 -10.94
N TYR A 12 28.14 0.95 -10.90
CA TYR A 12 28.32 0.19 -9.67
C TYR A 12 29.81 -0.04 -9.39
N HIS A 13 30.19 -0.08 -8.12
CA HIS A 13 31.60 -0.19 -7.75
C HIS A 13 31.92 -1.28 -6.74
N SER A 14 33.20 -1.61 -6.66
CA SER A 14 33.70 -2.53 -5.66
C SER A 14 33.66 -1.86 -4.28
N LEU A 15 33.74 -2.69 -3.24
CA LEU A 15 33.81 -2.20 -1.88
C LEU A 15 34.99 -1.23 -1.70
N GLU A 16 36.14 -1.62 -2.23
CA GLU A 16 37.36 -0.83 -2.10
C GLU A 16 37.17 0.57 -2.70
N ALA A 17 36.51 0.63 -3.86
CA ALA A 17 36.32 1.91 -4.52
C ALA A 17 35.34 2.81 -3.77
N ILE A 18 34.29 2.20 -3.22
CA ILE A 18 33.32 2.95 -2.43
C ILE A 18 34.00 3.52 -1.20
N TYR A 19 34.76 2.69 -0.48
CA TYR A 19 35.51 3.16 0.67
C TYR A 19 36.48 4.29 0.30
N HIS A 20 37.14 4.15 -0.84
CA HIS A 20 38.12 5.18 -1.22
C HIS A 20 37.41 6.50 -1.52
N GLU A 21 36.23 6.42 -2.12
CA GLU A 21 35.50 7.65 -2.45
C GLU A 21 34.97 8.33 -1.18
N MET A 22 34.64 7.56 -0.15
CA MET A 22 34.25 8.13 1.14
C MET A 22 35.42 8.88 1.77
N ASP A 23 36.62 8.33 1.61
CA ASP A 23 37.84 8.98 2.08
C ASP A 23 38.04 10.28 1.30
N ASN A 24 37.82 10.23 -0.02
CA ASN A 24 37.93 11.43 -0.86
C ASN A 24 36.95 12.53 -0.45
N ILE A 25 35.73 12.12 -0.07
CA ILE A 25 34.73 13.09 0.34
C ILE A 25 35.11 13.78 1.65
N ALA A 26 35.56 13.00 2.63
CA ALA A 26 36.00 13.60 3.89
C ALA A 26 37.23 14.49 3.66
N ALA A 27 38.07 14.13 2.70
CA ALA A 27 39.25 14.94 2.38
C ALA A 27 38.88 16.26 1.73
N ASP A 28 37.81 16.25 0.94
CA ASP A 28 37.35 17.45 0.23
C ASP A 28 36.69 18.44 1.17
N PHE A 29 36.10 17.93 2.25
CA PHE A 29 35.31 18.74 3.18
C PHE A 29 35.58 18.38 4.64
N PRO A 30 36.82 18.63 5.10
CA PRO A 30 37.26 18.14 6.40
C PRO A 30 36.53 18.78 7.58
N ASP A 31 36.00 19.97 7.41
CA ASP A 31 35.26 20.64 8.48
C ASP A 31 33.84 20.09 8.63
N LEU A 32 33.40 19.32 7.65
CA LEU A 32 32.01 18.87 7.60
C LEU A 32 31.89 17.35 7.67
N ALA A 33 32.75 16.64 6.96
CA ALA A 33 32.61 15.20 6.81
C ALA A 33 33.84 14.47 7.32
N ARG A 34 33.63 13.39 8.05
CA ARG A 34 34.75 12.56 8.50
C ARG A 34 34.33 11.10 8.39
N ARG A 35 35.22 10.28 7.84
CA ARG A 35 34.93 8.84 7.72
C ARG A 35 35.31 8.17 9.03
N VAL A 36 34.35 7.46 9.62
CA VAL A 36 34.51 6.88 10.95
C VAL A 36 34.36 5.37 10.98
N LYS A 37 35.31 4.70 11.62
CA LYS A 37 35.21 3.26 11.80
C LYS A 37 34.37 2.96 13.04
N ILE A 38 33.40 2.05 12.93
CA ILE A 38 32.53 1.73 14.06
C ILE A 38 32.60 0.25 14.46
N GLY A 39 33.49 -0.49 13.79
CA GLY A 39 33.60 -1.90 14.06
C GLY A 39 34.05 -2.58 12.78
N HIS A 40 33.94 -3.89 12.73
CA HIS A 40 34.38 -4.62 11.56
C HIS A 40 33.39 -5.72 11.27
N SER A 41 33.50 -6.29 10.08
CA SER A 41 32.61 -7.36 9.66
C SER A 41 33.12 -8.69 10.16
N PHE A 42 32.36 -9.76 9.90
CA PHE A 42 32.77 -11.11 10.26
C PHE A 42 34.17 -11.47 9.71
N GLU A 43 34.43 -11.07 8.46
CA GLU A 43 35.68 -11.39 7.77
C GLU A 43 36.78 -10.33 7.98
N ASN A 44 36.52 -9.38 8.87
CA ASN A 44 37.47 -8.33 9.25
C ASN A 44 37.64 -7.20 8.23
N ARG A 45 36.55 -6.86 7.54
CA ARG A 45 36.52 -5.65 6.74
C ARG A 45 36.00 -4.51 7.62
N PRO A 46 36.54 -3.30 7.46
CA PRO A 46 36.08 -2.21 8.34
C PRO A 46 34.64 -1.85 8.03
N MET A 47 33.86 -1.48 9.05
CA MET A 47 32.55 -0.88 8.85
C MET A 47 32.79 0.63 8.86
N TYR A 48 32.59 1.29 7.72
CA TYR A 48 32.85 2.73 7.63
C TYR A 48 31.56 3.55 7.53
N VAL A 49 31.44 4.58 8.37
CA VAL A 49 30.34 5.52 8.20
C VAL A 49 30.95 6.87 7.88
N LEU A 50 30.18 7.73 7.21
CA LEU A 50 30.55 9.13 7.13
C LEU A 50 29.66 9.90 8.09
N LYS A 51 30.29 10.74 8.90
CA LYS A 51 29.55 11.63 9.78
C LYS A 51 29.61 13.03 9.20
N PHE A 52 28.43 13.61 8.96
CA PHE A 52 28.34 14.98 8.45
C PHE A 52 27.84 15.84 9.59
N SER A 53 28.61 16.87 9.95
CA SER A 53 28.31 17.59 11.18
C SER A 53 28.87 19.00 11.17
N THR A 54 28.13 19.93 11.73
CA THR A 54 28.62 21.31 11.84
C THR A 54 28.83 21.74 13.29
N GLY A 55 28.70 20.80 14.22
CA GLY A 55 28.82 21.11 15.63
C GLY A 55 28.74 19.91 16.56
N LYS A 56 28.84 20.17 17.85
CA LYS A 56 28.90 19.11 18.85
C LYS A 56 28.15 19.48 20.10
N GLY A 57 27.48 18.48 20.69
CA GLY A 57 26.73 18.68 21.92
C GLY A 57 26.41 17.35 22.57
N VAL A 58 26.29 17.35 23.90
CA VAL A 58 25.99 16.12 24.63
C VAL A 58 24.65 15.52 24.21
N ARG A 59 23.68 16.37 23.90
CA ARG A 59 22.37 15.91 23.43
C ARG A 59 22.09 16.34 21.98
N ARG A 60 23.14 16.55 21.18
CA ARG A 60 22.91 17.01 19.82
C ARG A 60 22.18 15.92 19.05
N PRO A 61 21.07 16.26 18.39
CA PRO A 61 20.31 15.22 17.68
C PRO A 61 21.04 14.75 16.44
N ALA A 62 20.68 13.54 15.98
CA ALA A 62 21.32 12.95 14.82
C ALA A 62 20.36 12.05 14.08
N VAL A 63 20.64 11.84 12.80
CA VAL A 63 19.85 10.95 11.98
C VAL A 63 20.79 9.88 11.43
N TRP A 64 20.34 8.63 11.42
CA TRP A 64 21.14 7.55 10.87
C TRP A 64 20.55 7.15 9.52
N LEU A 65 21.38 7.13 8.49
CA LEU A 65 21.00 6.64 7.16
C LEU A 65 21.75 5.34 6.89
N ASN A 66 20.99 4.25 6.79
CA ASN A 66 21.54 2.91 6.68
C ASN A 66 21.34 2.41 5.25
N ALA A 67 22.37 1.78 4.69
CA ALA A 67 22.24 1.20 3.34
C ALA A 67 23.04 -0.10 3.17
N GLY A 68 22.63 -0.92 2.21
CA GLY A 68 23.39 -2.10 1.89
C GLY A 68 23.44 -3.18 2.96
N ILE A 69 22.45 -3.22 3.84
CA ILE A 69 22.42 -4.29 4.82
C ILE A 69 22.22 -5.63 4.08
N HIS A 70 21.48 -5.59 2.97
CA HIS A 70 21.32 -6.76 2.11
C HIS A 70 22.16 -6.58 0.86
N SER A 71 23.19 -7.42 0.72
CA SER A 71 24.25 -7.16 -0.25
C SER A 71 23.82 -7.10 -1.73
N ARG A 72 22.84 -7.91 -2.12
CA ARG A 72 22.44 -7.94 -3.53
C ARG A 72 21.66 -6.70 -3.97
N GLU A 73 21.31 -5.83 -3.03
CA GLU A 73 20.45 -4.69 -3.34
C GLU A 73 21.32 -3.51 -3.75
N TRP A 74 22.03 -3.70 -4.86
CA TRP A 74 23.10 -2.79 -5.29
C TRP A 74 22.68 -1.33 -5.41
N ILE A 75 21.42 -1.09 -5.74
CA ILE A 75 20.99 0.29 -5.89
C ILE A 75 21.09 1.04 -4.55
N SER A 76 21.04 0.31 -3.43
CA SER A 76 21.10 0.96 -2.14
C SER A 76 22.49 1.56 -1.84
N GLN A 77 23.54 0.76 -2.04
CA GLN A 77 24.90 1.22 -1.79
C GLN A 77 25.23 2.33 -2.78
N ALA A 78 24.78 2.16 -4.01
CA ALA A 78 25.04 3.16 -5.05
C ALA A 78 24.35 4.49 -4.75
N THR A 79 23.09 4.42 -4.30
CA THR A 79 22.35 5.61 -3.88
C THR A 79 23.05 6.25 -2.67
N ALA A 80 23.56 5.42 -1.77
CA ALA A 80 24.17 5.93 -0.55
C ALA A 80 25.43 6.75 -0.83
N ILE A 81 26.30 6.23 -1.69
CA ILE A 81 27.57 6.93 -1.97
C ILE A 81 27.30 8.24 -2.75
N TRP A 82 26.34 8.22 -3.67
CA TRP A 82 25.91 9.45 -4.34
C TRP A 82 25.37 10.46 -3.33
N THR A 83 24.60 9.97 -2.36
CA THR A 83 24.03 10.84 -1.33
C THR A 83 25.12 11.53 -0.48
N ALA A 84 26.17 10.80 -0.14
CA ALA A 84 27.32 11.38 0.57
C ALA A 84 27.86 12.60 -0.20
N ARG A 85 28.04 12.43 -1.50
CA ARG A 85 28.54 13.50 -2.38
C ARG A 85 27.53 14.64 -2.52
N LYS A 86 26.25 14.30 -2.61
CA LYS A 86 25.20 15.32 -2.69
C LYS A 86 25.19 16.21 -1.45
N ILE A 87 25.34 15.59 -0.28
CA ILE A 87 25.35 16.37 0.96
C ILE A 87 26.49 17.39 0.99
N VAL A 88 27.71 16.97 0.67
CA VAL A 88 28.82 17.91 0.76
C VAL A 88 28.76 18.94 -0.38
N SER A 89 28.23 18.53 -1.53
CA SER A 89 28.07 19.44 -2.67
C SER A 89 27.07 20.54 -2.40
N ASP A 90 25.99 20.22 -1.68
CA ASP A 90 24.89 21.14 -1.47
C ASP A 90 24.92 21.93 -0.16
N TYR A 91 25.76 21.52 0.78
CA TYR A 91 25.88 22.28 2.02
C TYR A 91 26.28 23.73 1.73
N GLN A 92 25.56 24.66 2.38
CA GLN A 92 25.71 26.11 2.15
C GLN A 92 25.38 26.57 0.74
N ARG A 93 24.67 25.73 -0.01
CA ARG A 93 24.12 26.14 -1.30
C ARG A 93 22.60 25.96 -1.29
N ASP A 94 22.16 24.75 -0.97
CA ASP A 94 20.74 24.47 -0.77
C ASP A 94 20.37 24.81 0.68
N PRO A 95 19.42 25.72 0.89
CA PRO A 95 19.08 26.11 2.27
C PRO A 95 18.51 24.95 3.10
N ALA A 96 17.91 23.96 2.45
CA ALA A 96 17.27 22.87 3.17
C ALA A 96 18.31 21.98 3.88
N ILE A 97 19.25 21.44 3.13
CA ILE A 97 20.27 20.56 3.74
C ILE A 97 21.19 21.37 4.65
N THR A 98 21.30 22.67 4.39
CA THR A 98 22.13 23.53 5.25
C THR A 98 21.51 23.69 6.65
N SER A 99 20.24 24.04 6.72
CA SER A 99 19.58 24.18 8.01
C SER A 99 19.44 22.84 8.72
N ILE A 100 19.23 21.77 7.95
CA ILE A 100 19.19 20.44 8.58
C ILE A 100 20.51 20.18 9.31
N LEU A 101 21.62 20.42 8.61
CA LEU A 101 22.95 20.11 9.17
C LEU A 101 23.34 21.10 10.25
N GLU A 102 22.69 22.25 10.26
CA GLU A 102 22.95 23.21 11.33
C GLU A 102 22.25 22.79 12.61
N LYS A 103 21.21 21.97 12.48
CA LYS A 103 20.45 21.48 13.64
C LYS A 103 20.91 20.11 14.16
N MET A 104 21.30 19.23 13.24
CA MET A 104 21.56 17.82 13.61
C MET A 104 22.71 17.23 12.80
N ASP A 105 23.25 16.12 13.28
CA ASP A 105 24.28 15.36 12.57
C ASP A 105 23.59 14.31 11.71
N ILE A 106 24.24 13.96 10.60
CA ILE A 106 23.81 12.87 9.75
C ILE A 106 24.92 11.83 9.76
N PHE A 107 24.59 10.60 10.16
CA PHE A 107 25.50 9.49 10.02
C PHE A 107 25.04 8.63 8.85
N LEU A 108 25.95 8.25 7.97
CA LEU A 108 25.61 7.49 6.78
C LEU A 108 26.50 6.25 6.66
N LEU A 109 25.86 5.08 6.52
CA LEU A 109 26.56 3.81 6.38
C LEU A 109 26.22 3.22 5.00
N PRO A 110 27.06 3.50 4.00
CA PRO A 110 26.71 3.06 2.63
C PRO A 110 26.72 1.55 2.43
N VAL A 111 27.56 0.85 3.19
CA VAL A 111 27.68 -0.61 3.05
C VAL A 111 27.61 -1.30 4.40
N ALA A 112 26.38 -1.55 4.83
CA ALA A 112 26.12 -2.13 6.14
C ALA A 112 26.53 -3.61 6.23
N ASN A 113 26.78 -4.23 5.08
CA ASN A 113 27.13 -5.66 5.03
C ASN A 113 28.25 -5.84 4.01
N PRO A 114 29.49 -5.48 4.38
CA PRO A 114 30.61 -5.50 3.42
C PRO A 114 30.97 -6.90 2.90
N ASP A 115 30.94 -7.91 3.76
CA ASP A 115 31.30 -9.26 3.32
C ASP A 115 30.35 -9.77 2.24
N GLY A 116 29.06 -9.57 2.46
CA GLY A 116 28.07 -9.96 1.47
C GLY A 116 28.31 -9.20 0.18
N TYR A 117 28.64 -7.91 0.30
CA TYR A 117 28.81 -7.10 -0.90
C TYR A 117 29.95 -7.65 -1.76
N VAL A 118 31.10 -7.91 -1.15
CA VAL A 118 32.22 -8.47 -1.89
C VAL A 118 31.78 -9.79 -2.53
N TYR A 119 31.06 -10.61 -1.77
CA TYR A 119 30.58 -11.91 -2.26
C TYR A 119 29.66 -11.79 -3.50
N THR A 120 28.83 -10.74 -3.56
CA THR A 120 27.94 -10.53 -4.72
C THR A 120 28.74 -10.19 -5.99
N GLN A 121 30.01 -9.83 -5.80
CA GLN A 121 30.83 -9.46 -6.94
C GLN A 121 31.85 -10.53 -7.28
N THR A 122 32.02 -11.50 -6.38
CA THR A 122 32.98 -12.57 -6.61
C THR A 122 32.37 -13.95 -6.84
N GLN A 123 31.15 -14.16 -6.38
CA GLN A 123 30.63 -15.53 -6.30
C GLN A 123 29.15 -15.69 -6.59
N ASN A 124 28.33 -14.76 -6.12
CA ASN A 124 26.87 -14.95 -6.17
C ASN A 124 26.17 -13.59 -6.11
N ARG A 125 25.73 -13.11 -7.26
CA ARG A 125 25.12 -11.79 -7.40
C ARG A 125 23.87 -11.61 -6.53
N LEU A 126 23.19 -12.70 -6.20
CA LEU A 126 21.95 -12.60 -5.40
C LEU A 126 22.18 -12.91 -3.91
N TRP A 127 23.42 -12.86 -3.44
CA TRP A 127 23.66 -13.13 -2.01
C TRP A 127 23.06 -12.01 -1.17
N ARG A 128 22.38 -12.39 -0.09
CA ARG A 128 21.64 -11.43 0.76
C ARG A 128 22.25 -11.25 2.16
N LYS A 129 22.68 -12.37 2.74
CA LYS A 129 23.02 -12.45 4.16
C LYS A 129 24.43 -12.00 4.49
N THR A 130 24.78 -12.06 5.77
CA THR A 130 26.17 -11.97 6.20
C THR A 130 26.90 -13.22 5.71
N ARG A 131 28.19 -13.33 6.04
CA ARG A 131 28.98 -14.50 5.69
C ARG A 131 29.54 -15.22 6.91
N SER A 132 28.88 -15.08 8.05
CA SER A 132 29.27 -15.78 9.28
C SER A 132 29.00 -17.28 9.25
N ARG A 133 29.74 -18.01 10.08
CA ARG A 133 29.65 -19.47 10.15
C ARG A 133 28.41 -19.90 10.94
N ASN A 134 27.81 -21.03 10.57
CA ASN A 134 26.71 -21.61 11.33
C ASN A 134 27.11 -23.00 11.84
N PRO A 135 27.28 -23.15 13.16
CA PRO A 135 27.77 -24.43 13.68
C PRO A 135 26.92 -25.61 13.21
N GLY A 136 27.59 -26.64 12.73
CA GLY A 136 26.90 -27.85 12.32
C GLY A 136 26.27 -27.77 10.94
N SER A 137 26.34 -26.62 10.29
CA SER A 137 25.68 -26.46 8.99
C SER A 137 26.66 -26.07 7.89
N SER A 138 26.40 -26.54 6.67
CA SER A 138 27.20 -26.12 5.53
C SER A 138 26.64 -24.82 4.94
N CYS A 139 25.53 -24.33 5.48
CA CYS A 139 24.94 -23.09 5.00
C CYS A 139 25.56 -21.91 5.76
N ILE A 140 25.84 -20.83 5.06
CA ILE A 140 26.54 -19.69 5.63
C ILE A 140 25.62 -18.48 5.81
N GLY A 141 25.82 -17.73 6.89
CA GLY A 141 25.18 -16.42 7.02
C GLY A 141 23.83 -16.34 7.71
N ALA A 142 23.54 -15.15 8.23
CA ALA A 142 22.26 -14.80 8.82
C ALA A 142 21.76 -13.55 8.13
N ASP A 143 20.45 -13.33 8.18
CA ASP A 143 19.86 -12.13 7.65
C ASP A 143 20.10 -11.02 8.68
N PRO A 144 20.93 -10.04 8.32
CA PRO A 144 21.20 -8.98 9.31
C PRO A 144 19.94 -8.15 9.59
N ASN A 145 18.94 -8.19 8.70
CA ASN A 145 17.68 -7.48 9.00
C ASN A 145 16.61 -8.35 9.66
N ARG A 146 17.04 -9.48 10.22
CA ARG A 146 16.21 -10.26 11.13
C ARG A 146 16.95 -10.49 12.46
N ASN A 147 18.08 -9.81 12.63
CA ASN A 147 19.00 -10.07 13.73
C ASN A 147 18.89 -9.06 14.86
N TRP A 148 18.06 -8.04 14.70
CA TRP A 148 17.95 -7.00 15.74
C TRP A 148 17.03 -7.41 16.89
N ASN A 149 17.24 -6.76 18.03
CA ASN A 149 16.48 -7.07 19.24
C ASN A 149 15.11 -6.39 19.22
N ALA A 150 14.24 -6.86 18.33
CA ALA A 150 12.90 -6.32 18.19
C ALA A 150 12.01 -7.50 17.88
N SER A 151 11.41 -8.07 18.93
CA SER A 151 10.65 -9.33 18.81
C SER A 151 11.52 -10.34 18.06
N PHE A 152 12.77 -10.44 18.47
CA PHE A 152 13.71 -11.37 17.84
C PHE A 152 13.17 -12.78 17.77
N ALA A 153 13.30 -13.40 16.59
CA ALA A 153 12.86 -14.77 16.33
C ALA A 153 11.34 -14.94 16.38
N GLY A 154 10.62 -13.83 16.29
CA GLY A 154 9.17 -13.86 16.26
C GLY A 154 8.74 -14.26 14.88
N LYS A 155 7.44 -14.34 14.65
CA LYS A 155 6.97 -14.64 13.32
C LYS A 155 7.55 -13.59 12.37
N GLY A 156 8.01 -14.03 11.22
CA GLY A 156 8.60 -13.11 10.27
C GLY A 156 10.09 -13.33 10.14
N ALA A 157 10.54 -14.56 10.38
CA ALA A 157 11.94 -14.92 10.16
C ALA A 157 12.04 -16.44 10.13
N SER A 158 13.25 -16.96 10.00
CA SER A 158 13.44 -18.41 9.93
C SER A 158 14.45 -18.92 10.94
N ASP A 159 14.21 -20.14 11.43
CA ASP A 159 15.16 -20.83 12.32
C ASP A 159 16.21 -21.61 11.53
N ASN A 160 16.07 -21.62 10.21
CA ASN A 160 16.91 -22.43 9.32
C ASN A 160 18.09 -21.63 8.78
N PRO A 161 19.31 -22.01 9.15
CA PRO A 161 20.52 -21.32 8.66
C PRO A 161 20.57 -21.27 7.13
N CYS A 162 19.90 -22.18 6.45
CA CYS A 162 19.92 -22.19 4.98
C CYS A 162 18.91 -21.20 4.35
N SER A 163 18.09 -20.54 5.16
CA SER A 163 17.08 -19.62 4.67
C SER A 163 17.64 -18.21 4.45
N GLU A 164 17.05 -17.49 3.48
CA GLU A 164 17.35 -16.07 3.23
C GLU A 164 17.08 -15.23 4.47
N VAL A 165 16.12 -15.67 5.28
CA VAL A 165 15.69 -14.89 6.43
C VAL A 165 16.06 -15.52 7.79
N TYR A 166 17.14 -16.31 7.83
CA TYR A 166 17.66 -16.86 9.08
C TYR A 166 17.96 -15.76 10.10
N HIS A 167 17.42 -15.86 11.32
CA HIS A 167 17.57 -14.77 12.28
C HIS A 167 18.90 -14.79 13.04
N GLY A 168 19.63 -15.90 12.97
CA GLY A 168 20.84 -16.06 13.74
C GLY A 168 20.55 -16.69 15.10
N PRO A 169 21.59 -17.04 15.86
CA PRO A 169 21.34 -17.74 17.13
C PRO A 169 20.78 -16.86 18.26
N HIS A 170 21.07 -15.56 18.21
CA HIS A 170 20.49 -14.63 19.17
C HIS A 170 20.58 -13.21 18.61
N ALA A 171 19.79 -12.31 19.14
CA ALA A 171 19.82 -10.92 18.67
C ALA A 171 21.23 -10.38 18.78
N ASN A 172 21.64 -9.60 17.77
CA ASN A 172 22.96 -8.97 17.77
C ASN A 172 24.14 -9.95 17.61
N SER A 173 23.85 -11.17 17.15
CA SER A 173 24.91 -12.14 16.91
C SER A 173 25.83 -11.68 15.79
N GLU A 174 25.28 -10.96 14.81
CA GLU A 174 26.05 -10.52 13.67
C GLU A 174 26.82 -9.26 14.03
N VAL A 175 28.15 -9.33 13.91
CA VAL A 175 29.01 -8.23 14.36
C VAL A 175 28.69 -6.94 13.59
N GLU A 176 28.28 -7.10 12.33
CA GLU A 176 27.85 -5.94 11.54
C GLU A 176 26.70 -5.19 12.19
N VAL A 177 25.76 -5.92 12.77
CA VAL A 177 24.61 -5.32 13.41
C VAL A 177 24.97 -4.82 14.80
N LYS A 178 25.63 -5.67 15.57
CA LYS A 178 26.14 -5.27 16.88
C LYS A 178 26.92 -3.95 16.83
N SER A 179 27.70 -3.76 15.77
CA SER A 179 28.50 -2.54 15.64
C SER A 179 27.62 -1.28 15.55
N VAL A 180 26.54 -1.38 14.80
CA VAL A 180 25.63 -0.25 14.63
C VAL A 180 24.83 -0.01 15.90
N VAL A 181 24.34 -1.09 16.50
CA VAL A 181 23.58 -0.99 17.73
C VAL A 181 24.44 -0.36 18.82
N ASP A 182 25.68 -0.82 18.94
CA ASP A 182 26.55 -0.31 19.99
C ASP A 182 26.78 1.19 19.79
N PHE A 183 27.09 1.58 18.55
CA PHE A 183 27.37 2.99 18.28
C PHE A 183 26.19 3.88 18.59
N ILE A 184 24.99 3.46 18.16
CA ILE A 184 23.78 4.26 18.36
C ILE A 184 23.42 4.36 19.85
N GLN A 185 23.51 3.25 20.57
CA GLN A 185 23.25 3.26 22.00
C GLN A 185 24.23 4.13 22.79
N LYS A 186 25.50 4.10 22.42
CA LYS A 186 26.53 4.84 23.15
C LYS A 186 26.47 6.33 22.81
N HIS A 187 26.25 6.62 21.54
CA HIS A 187 26.20 8.01 21.10
C HIS A 187 24.93 8.72 21.59
N GLY A 188 23.79 8.06 21.45
CA GLY A 188 22.50 8.58 21.88
C GLY A 188 21.90 9.67 21.00
N ASN A 189 20.68 10.07 21.34
CA ASN A 189 20.04 11.24 20.76
C ASN A 189 19.73 11.12 19.27
N PHE A 190 19.56 9.88 18.80
CA PHE A 190 19.10 9.66 17.44
C PHE A 190 17.61 9.91 17.34
N LYS A 191 17.23 10.69 16.34
CA LYS A 191 15.86 11.14 16.15
C LYS A 191 15.26 10.51 14.90
N GLY A 192 16.14 10.02 14.02
CA GLY A 192 15.71 9.36 12.80
C GLY A 192 16.60 8.18 12.47
N PHE A 193 16.00 7.15 11.86
CA PHE A 193 16.73 6.00 11.37
C PHE A 193 16.03 5.58 10.07
N ILE A 194 16.75 5.67 8.95
CA ILE A 194 16.18 5.38 7.63
C ILE A 194 17.02 4.30 6.98
N ASP A 195 16.36 3.24 6.53
CA ASP A 195 17.06 2.04 6.08
C ASP A 195 16.76 1.85 4.59
N LEU A 196 17.80 1.93 3.76
CA LEU A 196 17.62 1.87 2.31
C LEU A 196 17.77 0.45 1.80
N HIS A 197 16.68 -0.10 1.25
CA HIS A 197 16.65 -1.42 0.65
C HIS A 197 16.20 -1.32 -0.81
N SER A 198 16.18 -2.46 -1.51
CA SER A 198 15.40 -2.57 -2.76
C SER A 198 14.89 -4.00 -2.84
N TYR A 199 13.89 -4.32 -3.66
CA TYR A 199 13.14 -3.37 -4.50
C TYR A 199 11.64 -3.49 -4.19
N SER A 200 10.86 -2.56 -4.73
CA SER A 200 9.38 -2.58 -4.73
C SER A 200 8.75 -1.18 -4.72
N GLN A 201 9.54 -0.14 -4.44
CA GLN A 201 9.02 1.23 -4.38
C GLN A 201 7.97 1.38 -3.29
N LEU A 202 8.43 1.18 -2.05
CA LEU A 202 7.63 1.30 -0.85
C LEU A 202 8.35 2.20 0.14
N LEU A 203 7.57 2.95 0.93
CA LEU A 203 8.15 3.74 2.01
C LEU A 203 7.36 3.34 3.24
N MET A 204 8.01 2.63 4.15
CA MET A 204 7.28 2.00 5.25
C MET A 204 7.81 2.43 6.62
N TYR A 205 7.00 2.19 7.64
CA TYR A 205 7.36 2.52 9.03
C TYR A 205 6.94 1.33 9.93
N PRO A 206 7.26 1.36 11.23
CA PRO A 206 6.92 0.21 12.09
C PRO A 206 5.40 -0.06 12.13
N TYR A 207 4.96 -1.31 12.34
CA TYR A 207 5.84 -2.42 12.69
C TYR A 207 5.87 -3.50 11.61
N GLY A 208 6.98 -4.24 11.60
CA GLY A 208 7.11 -5.42 10.78
C GLY A 208 6.82 -6.66 11.60
N TYR A 209 7.08 -6.60 12.91
CA TYR A 209 6.93 -7.80 13.74
C TYR A 209 5.52 -8.07 14.27
N SER A 210 4.61 -7.13 14.04
CA SER A 210 3.28 -7.20 14.63
C SER A 210 2.35 -6.30 13.85
N VAL A 211 1.05 -6.59 13.89
CA VAL A 211 0.08 -5.72 13.25
C VAL A 211 -0.27 -4.51 14.12
N LYS A 212 0.13 -4.55 15.39
CA LYS A 212 -0.18 -3.45 16.30
C LYS A 212 0.23 -2.11 15.68
N LYS A 213 -0.54 -1.06 15.97
CA LYS A 213 -0.27 0.26 15.42
C LYS A 213 0.76 1.02 16.26
N ALA A 214 1.78 1.56 15.60
CA ALA A 214 2.73 2.43 16.29
C ALA A 214 2.00 3.64 16.85
N PRO A 215 2.34 4.04 18.08
CA PRO A 215 1.73 5.25 18.65
C PRO A 215 1.85 6.46 17.72
N ASP A 216 2.91 6.53 16.94
CA ASP A 216 3.15 7.66 16.05
C ASP A 216 2.74 7.36 14.60
N ALA A 217 1.97 6.29 14.40
CA ALA A 217 1.61 5.88 13.05
C ALA A 217 1.01 6.99 12.21
N GLU A 218 0.11 7.78 12.80
CA GLU A 218 -0.56 8.84 12.05
C GLU A 218 0.44 9.86 11.51
N GLU A 219 1.39 10.26 12.36
CA GLU A 219 2.41 11.23 11.94
C GLU A 219 3.35 10.63 10.91
N LEU A 220 3.79 9.40 11.16
CA LEU A 220 4.76 8.76 10.29
C LEU A 220 4.15 8.56 8.91
N ASP A 221 2.88 8.18 8.86
CA ASP A 221 2.20 7.95 7.57
C ASP A 221 2.11 9.28 6.81
N LYS A 222 1.71 10.33 7.53
CA LYS A 222 1.64 11.67 6.95
C LYS A 222 2.99 12.07 6.37
N VAL A 223 4.05 11.91 7.16
CA VAL A 223 5.39 12.29 6.74
C VAL A 223 5.85 11.49 5.53
N ALA A 224 5.58 10.17 5.57
CA ALA A 224 5.94 9.28 4.47
C ALA A 224 5.24 9.66 3.18
N ARG A 225 3.96 10.02 3.24
CA ARG A 225 3.23 10.42 2.04
C ARG A 225 3.74 11.73 1.46
N LEU A 226 4.12 12.67 2.32
CA LEU A 226 4.78 13.89 1.88
C LEU A 226 6.10 13.58 1.19
N ALA A 227 6.87 12.67 1.78
CA ALA A 227 8.17 12.31 1.21
C ALA A 227 8.00 11.61 -0.13
N ALA A 228 6.98 10.77 -0.25
CA ALA A 228 6.73 10.06 -1.50
C ALA A 228 6.34 11.03 -2.59
N LYS A 229 5.60 12.07 -2.22
CA LYS A 229 5.22 13.08 -3.20
C LYS A 229 6.43 13.87 -3.68
N ALA A 230 7.34 14.18 -2.76
CA ALA A 230 8.53 14.90 -3.13
C ALA A 230 9.39 14.05 -4.06
N LEU A 231 9.46 12.76 -3.75
CA LEU A 231 10.25 11.83 -4.54
C LEU A 231 9.68 11.73 -5.97
N ALA A 232 8.35 11.67 -6.07
CA ALA A 232 7.67 11.58 -7.37
C ALA A 232 7.80 12.85 -8.20
N SER A 233 8.15 13.96 -7.54
CA SER A 233 8.21 15.24 -8.26
C SER A 233 9.29 15.27 -9.33
N VAL A 234 10.32 14.44 -9.16
CA VAL A 234 11.43 14.44 -10.11
C VAL A 234 11.08 13.78 -11.44
N SER A 235 10.71 12.51 -11.40
CA SER A 235 10.40 11.80 -12.62
C SER A 235 9.17 10.90 -12.51
N GLY A 236 8.31 11.20 -11.55
CA GLY A 236 7.01 10.56 -11.44
C GLY A 236 7.01 9.16 -10.85
N THR A 237 8.10 8.78 -10.21
CA THR A 237 8.20 7.46 -9.59
C THR A 237 7.23 7.31 -8.41
N GLU A 238 6.33 6.34 -8.50
CA GLU A 238 5.28 6.19 -7.50
C GLU A 238 5.62 5.14 -6.44
N TYR A 239 5.41 5.52 -5.19
CA TYR A 239 5.66 4.67 -4.04
C TYR A 239 4.36 4.44 -3.31
N GLN A 240 4.23 3.26 -2.71
CA GLN A 240 3.18 2.97 -1.76
C GLN A 240 3.70 3.23 -0.36
N VAL A 241 2.79 3.58 0.55
CA VAL A 241 3.15 3.90 1.93
C VAL A 241 2.36 3.06 2.94
N GLY A 242 3.01 2.64 4.02
CA GLY A 242 2.32 1.96 5.10
C GLY A 242 3.23 1.24 6.08
N PRO A 243 2.63 0.56 7.07
CA PRO A 243 3.43 -0.17 8.05
C PRO A 243 4.00 -1.41 7.40
N THR A 244 5.21 -1.79 7.79
CA THR A 244 5.91 -2.91 7.15
C THR A 244 5.05 -4.18 7.03
N CYS A 245 4.51 -4.64 8.15
CA CYS A 245 3.89 -5.97 8.17
C CYS A 245 2.83 -6.14 7.08
N THR A 246 2.01 -5.11 6.88
CA THR A 246 0.90 -5.19 5.94
C THR A 246 1.19 -4.55 4.58
N THR A 247 2.37 -3.95 4.44
CA THR A 247 2.71 -3.28 3.18
C THR A 247 3.67 -4.11 2.33
N VAL A 248 4.47 -4.95 3.00
CA VAL A 248 5.34 -5.87 2.29
C VAL A 248 5.16 -7.33 2.78
N TYR A 249 5.42 -7.58 4.07
CA TYR A 249 5.28 -8.90 4.69
C TYR A 249 5.70 -8.84 6.16
N PRO A 250 5.33 -9.86 6.96
CA PRO A 250 5.82 -9.89 8.34
C PRO A 250 7.33 -10.02 8.37
N ALA A 251 7.97 -9.27 9.27
CA ALA A 251 9.42 -9.33 9.38
C ALA A 251 9.77 -9.03 10.83
N SER A 252 10.42 -9.97 11.49
CA SER A 252 10.83 -9.78 12.90
C SER A 252 12.33 -9.51 13.07
N GLY A 253 12.67 -8.74 14.09
CA GLY A 253 14.06 -8.42 14.34
C GLY A 253 14.64 -7.49 13.28
N SER A 254 13.82 -6.59 12.75
CA SER A 254 14.29 -5.67 11.71
C SER A 254 14.80 -4.38 12.30
N SER A 255 15.60 -3.66 11.52
CA SER A 255 16.34 -2.52 12.02
C SER A 255 15.43 -1.37 12.47
N ILE A 256 14.42 -1.00 11.67
CA ILE A 256 13.62 0.17 12.00
C ILE A 256 12.70 -0.10 13.20
N ASP A 257 12.26 -1.34 13.36
CA ASP A 257 11.46 -1.69 14.52
C ASP A 257 12.31 -1.57 15.78
N TRP A 258 13.55 -2.05 15.72
CA TRP A 258 14.48 -1.87 16.84
C TRP A 258 14.67 -0.38 17.13
N ALA A 259 14.92 0.40 16.08
CA ALA A 259 15.17 1.82 16.24
C ALA A 259 14.01 2.49 16.94
N TYR A 260 12.79 2.18 16.49
CA TYR A 260 11.60 2.83 16.99
C TYR A 260 11.30 2.43 18.44
N ASP A 261 11.52 1.16 18.75
CA ASP A 261 11.34 0.66 20.12
C ASP A 261 12.44 1.14 21.07
N ASN A 262 13.51 1.67 20.51
CA ASN A 262 14.59 2.24 21.32
C ASN A 262 14.68 3.75 21.24
N GLY A 263 13.54 4.41 21.06
CA GLY A 263 13.47 5.86 21.19
C GLY A 263 13.76 6.70 19.96
N ILE A 264 13.89 6.05 18.79
CA ILE A 264 14.11 6.79 17.54
C ILE A 264 12.80 6.89 16.78
N LYS A 265 12.20 8.08 16.84
CA LYS A 265 10.82 8.27 16.38
C LYS A 265 10.64 8.10 14.88
N PHE A 266 11.48 8.79 14.11
CA PHE A 266 11.32 8.82 12.67
C PHE A 266 12.05 7.67 11.98
N ALA A 267 11.43 6.49 12.06
CA ALA A 267 12.04 5.24 11.60
C ALA A 267 11.33 4.77 10.33
N PHE A 268 12.07 4.71 9.22
CA PHE A 268 11.46 4.42 7.92
C PHE A 268 12.33 3.47 7.12
N THR A 269 11.70 2.59 6.34
CA THR A 269 12.41 1.79 5.35
C THR A 269 12.00 2.26 3.96
N PHE A 270 13.00 2.53 3.09
CA PHE A 270 12.75 2.72 1.66
C PHE A 270 13.02 1.40 0.94
N GLU A 271 12.06 0.94 0.15
CA GLU A 271 12.32 -0.05 -0.88
C GLU A 271 12.44 0.73 -2.19
N LEU A 272 13.67 0.83 -2.69
CA LEU A 272 13.95 1.61 -3.89
C LEU A 272 13.45 0.90 -5.18
N ARG A 273 13.78 1.48 -6.34
CA ARG A 273 13.40 0.92 -7.64
C ARG A 273 13.94 -0.51 -7.81
N ASP A 274 13.31 -1.34 -8.65
CA ASP A 274 12.11 -0.97 -9.39
C ASP A 274 10.90 -1.73 -8.84
N THR A 275 9.94 -2.11 -9.68
CA THR A 275 8.79 -2.89 -9.20
C THR A 275 8.80 -4.34 -9.73
N GLY A 276 9.95 -4.80 -10.23
CA GLY A 276 10.10 -6.20 -10.61
C GLY A 276 10.62 -6.48 -12.01
N THR A 277 10.62 -5.48 -12.87
CA THR A 277 11.12 -5.67 -14.22
C THR A 277 12.58 -6.14 -14.19
N TYR A 278 13.41 -5.41 -13.44
CA TYR A 278 14.79 -5.81 -13.23
C TYR A 278 15.05 -6.33 -11.81
N GLY A 279 14.21 -5.93 -10.87
CA GLY A 279 14.34 -6.40 -9.50
C GLY A 279 15.65 -5.95 -8.90
N PHE A 280 16.40 -6.88 -8.32
CA PHE A 280 17.71 -6.55 -7.74
C PHE A 280 18.75 -6.17 -8.78
N LEU A 281 18.58 -6.64 -10.02
CA LEU A 281 19.56 -6.32 -11.07
C LEU A 281 19.21 -5.02 -11.80
N LEU A 282 18.98 -3.96 -11.03
CA LEU A 282 18.66 -2.67 -11.62
C LEU A 282 19.87 -2.16 -12.41
N PRO A 283 19.67 -1.80 -13.69
CA PRO A 283 20.80 -1.34 -14.51
C PRO A 283 21.43 -0.05 -14.00
N ALA A 284 22.73 0.08 -14.23
CA ALA A 284 23.50 1.22 -13.72
C ALA A 284 22.90 2.53 -14.20
N ASN A 285 22.27 2.52 -15.37
CA ASN A 285 21.72 3.77 -15.90
C ASN A 285 20.57 4.36 -15.08
N GLN A 286 20.08 3.62 -14.10
CA GLN A 286 19.04 4.16 -13.20
C GLN A 286 19.60 4.65 -11.86
N ILE A 287 20.91 4.53 -11.65
CA ILE A 287 21.47 4.95 -10.37
C ILE A 287 21.22 6.43 -10.06
N ILE A 288 21.61 7.31 -10.97
CA ILE A 288 21.49 8.74 -10.72
C ILE A 288 20.03 9.17 -10.61
N PRO A 289 19.18 8.71 -11.55
CA PRO A 289 17.74 9.02 -11.44
C PRO A 289 17.15 8.55 -10.10
N THR A 290 17.53 7.34 -9.66
CA THR A 290 17.06 6.83 -8.38
C THR A 290 17.56 7.68 -7.22
N ALA A 291 18.86 7.97 -7.23
CA ALA A 291 19.48 8.72 -6.14
C ALA A 291 18.88 10.14 -6.01
N GLU A 292 18.69 10.82 -7.14
CA GLU A 292 18.13 12.17 -7.13
C GLU A 292 16.72 12.22 -6.56
N GLU A 293 15.86 11.29 -6.98
CA GLU A 293 14.49 11.30 -6.50
C GLU A 293 14.45 10.89 -5.03
N THR A 294 15.30 9.93 -4.65
CA THR A 294 15.32 9.47 -3.26
C THR A 294 15.75 10.59 -2.33
N TRP A 295 16.66 11.42 -2.80
CA TRP A 295 17.18 12.54 -2.01
C TRP A 295 16.09 13.54 -1.64
N LEU A 296 15.14 13.78 -2.53
CA LEU A 296 14.04 14.67 -2.17
C LEU A 296 13.19 14.05 -1.06
N GLY A 297 13.04 12.73 -1.10
CA GLY A 297 12.30 12.00 -0.09
C GLY A 297 13.02 12.07 1.25
N LEU A 298 14.33 11.80 1.23
CA LEU A 298 15.14 11.90 2.45
C LEU A 298 15.13 13.30 3.07
N LYS A 299 15.25 14.33 2.25
CA LYS A 299 15.22 15.69 2.76
C LYS A 299 13.90 16.02 3.44
N THR A 300 12.81 15.55 2.86
CA THR A 300 11.49 15.77 3.41
C THR A 300 11.38 15.18 4.82
N ILE A 301 11.85 13.93 4.99
CA ILE A 301 11.84 13.31 6.30
C ILE A 301 12.70 14.13 7.28
N MET A 302 13.91 14.49 6.85
CA MET A 302 14.84 15.21 7.72
C MET A 302 14.38 16.66 8.03
N GLU A 303 13.63 17.28 7.13
CA GLU A 303 13.05 18.59 7.44
C GLU A 303 12.03 18.45 8.58
N HIS A 304 11.23 17.40 8.52
CA HIS A 304 10.28 17.13 9.59
C HIS A 304 10.98 16.83 10.91
N VAL A 305 12.06 16.05 10.88
CA VAL A 305 12.86 15.84 12.08
C VAL A 305 13.32 17.19 12.63
N ARG A 306 13.88 18.02 11.75
CA ARG A 306 14.39 19.34 12.16
C ARG A 306 13.31 20.15 12.84
N ASP A 307 12.08 20.05 12.33
CA ASP A 307 11.00 20.92 12.78
C ASP A 307 10.20 20.41 13.98
N ASN A 308 10.47 19.20 14.45
CA ASN A 308 9.77 18.71 15.63
C ASN A 308 10.63 18.73 16.89
N PHE B 7 -11.37 -20.62 -6.67
CA PHE B 7 -12.25 -19.53 -6.22
C PHE B 7 -13.59 -19.64 -6.94
N ASN B 8 -14.67 -19.75 -6.16
CA ASN B 8 -15.99 -19.83 -6.73
C ASN B 8 -16.58 -18.43 -6.91
N TYR B 9 -16.54 -17.92 -8.13
CA TYR B 9 -17.02 -16.56 -8.40
C TYR B 9 -18.54 -16.46 -8.31
N GLY B 10 -19.21 -17.59 -8.14
CA GLY B 10 -20.66 -17.62 -8.00
C GLY B 10 -21.10 -17.71 -6.56
N ALA B 11 -20.21 -17.34 -5.64
CA ALA B 11 -20.53 -17.31 -4.22
C ALA B 11 -20.03 -16.00 -3.61
N TYR B 12 -20.59 -15.65 -2.46
CA TYR B 12 -20.11 -14.50 -1.69
C TYR B 12 -18.99 -14.96 -0.78
N HIS B 13 -17.97 -14.11 -0.63
CA HIS B 13 -16.80 -14.49 0.15
C HIS B 13 -16.49 -13.54 1.29
N SER B 14 -15.63 -13.99 2.18
CA SER B 14 -15.06 -13.17 3.24
C SER B 14 -14.10 -12.16 2.64
N LEU B 15 -13.77 -11.14 3.41
CA LEU B 15 -12.79 -10.15 2.98
C LEU B 15 -11.44 -10.81 2.71
N GLU B 16 -11.06 -11.75 3.58
CA GLU B 16 -9.77 -12.41 3.44
C GLU B 16 -9.72 -13.18 2.13
N ALA B 17 -10.80 -13.87 1.82
CA ALA B 17 -10.90 -14.63 0.58
C ALA B 17 -10.76 -13.72 -0.63
N ILE B 18 -11.44 -12.57 -0.59
CA ILE B 18 -11.34 -11.61 -1.70
C ILE B 18 -9.94 -11.03 -1.85
N TYR B 19 -9.32 -10.63 -0.74
CA TYR B 19 -7.95 -10.15 -0.80
C TYR B 19 -7.04 -11.25 -1.35
N HIS B 20 -7.19 -12.46 -0.82
CA HIS B 20 -6.37 -13.59 -1.27
C HIS B 20 -6.43 -13.75 -2.78
N GLU B 21 -7.64 -13.71 -3.34
CA GLU B 21 -7.83 -13.90 -4.78
C GLU B 21 -7.21 -12.75 -5.58
N MET B 22 -7.26 -11.55 -5.03
CA MET B 22 -6.62 -10.40 -5.68
C MET B 22 -5.11 -10.62 -5.71
N ASP B 23 -4.57 -11.18 -4.63
CA ASP B 23 -3.14 -11.42 -4.54
C ASP B 23 -2.73 -12.49 -5.55
N ASN B 24 -3.57 -13.51 -5.70
CA ASN B 24 -3.30 -14.59 -6.66
C ASN B 24 -3.32 -14.09 -8.08
N ILE B 25 -4.29 -13.21 -8.37
CA ILE B 25 -4.42 -12.60 -9.69
C ILE B 25 -3.18 -11.77 -10.00
N ALA B 26 -2.69 -11.01 -9.03
CA ALA B 26 -1.50 -10.19 -9.22
C ALA B 26 -0.23 -11.04 -9.41
N ALA B 27 -0.14 -12.15 -8.67
CA ALA B 27 1.01 -13.04 -8.77
C ALA B 27 1.04 -13.79 -10.10
N ASP B 28 -0.14 -14.13 -10.61
CA ASP B 28 -0.21 -14.91 -11.84
C ASP B 28 -0.03 -14.07 -13.11
N PHE B 29 -0.30 -12.78 -13.02
CA PHE B 29 -0.12 -11.89 -14.18
C PHE B 29 0.72 -10.67 -13.82
N PRO B 30 2.01 -10.88 -13.53
CA PRO B 30 2.83 -9.77 -13.03
C PRO B 30 2.91 -8.60 -14.01
N ASP B 31 2.72 -8.87 -15.30
CA ASP B 31 2.94 -7.85 -16.33
C ASP B 31 1.67 -7.07 -16.71
N LEU B 32 0.55 -7.45 -16.13
CA LEU B 32 -0.73 -6.78 -16.44
C LEU B 32 -1.39 -6.24 -15.18
N ALA B 33 -1.32 -7.01 -14.09
CA ALA B 33 -2.00 -6.65 -12.85
C ALA B 33 -1.04 -6.53 -11.66
N ARG B 34 -1.20 -5.46 -10.89
CA ARG B 34 -0.41 -5.30 -9.67
C ARG B 34 -1.35 -4.90 -8.54
N ARG B 35 -1.23 -5.56 -7.39
CA ARG B 35 -2.04 -5.18 -6.23
C ARG B 35 -1.33 -4.06 -5.49
N VAL B 36 -2.00 -2.90 -5.38
CA VAL B 36 -1.43 -1.71 -4.76
C VAL B 36 -2.17 -1.35 -3.47
N LYS B 37 -1.43 -1.10 -2.39
CA LYS B 37 -2.07 -0.64 -1.16
C LYS B 37 -2.14 0.89 -1.17
N ILE B 38 -3.35 1.43 -1.04
CA ILE B 38 -3.53 2.89 -1.11
C ILE B 38 -3.77 3.54 0.25
N GLY B 39 -3.88 2.72 1.28
CA GLY B 39 -4.13 3.21 2.63
C GLY B 39 -4.70 2.12 3.50
N HIS B 40 -5.34 2.53 4.59
CA HIS B 40 -5.90 1.59 5.55
C HIS B 40 -7.29 2.04 5.97
N SER B 41 -8.06 1.14 6.57
CA SER B 41 -9.38 1.46 7.08
C SER B 41 -9.30 1.96 8.53
N PHE B 42 -10.44 2.38 9.07
CA PHE B 42 -10.46 2.84 10.46
C PHE B 42 -9.91 1.76 11.42
N GLU B 43 -10.28 0.52 11.16
CA GLU B 43 -9.86 -0.61 11.99
C GLU B 43 -8.59 -1.28 11.47
N ASN B 44 -7.82 -0.54 10.69
CA ASN B 44 -6.51 -1.01 10.22
C ASN B 44 -6.48 -2.20 9.30
N ARG B 45 -7.46 -2.27 8.40
CA ARG B 45 -7.40 -3.25 7.33
C ARG B 45 -6.88 -2.56 6.09
N PRO B 46 -6.18 -3.32 5.23
CA PRO B 46 -5.58 -2.69 4.05
C PRO B 46 -6.65 -2.22 3.08
N MET B 47 -6.42 -1.11 2.40
CA MET B 47 -7.24 -0.77 1.25
C MET B 47 -6.47 -1.23 0.02
N TYR B 48 -6.97 -2.29 -0.62
CA TYR B 48 -6.26 -2.87 -1.77
C TYR B 48 -6.94 -2.52 -3.07
N VAL B 49 -6.16 -2.01 -4.03
CA VAL B 49 -6.67 -1.92 -5.38
C VAL B 49 -5.85 -2.79 -6.30
N LEU B 50 -6.45 -3.21 -7.41
CA LEU B 50 -5.69 -3.83 -8.48
C LEU B 50 -5.53 -2.84 -9.61
N LYS B 51 -4.30 -2.65 -10.05
CA LYS B 51 -4.02 -1.81 -11.20
C LYS B 51 -3.79 -2.69 -12.42
N PHE B 52 -4.55 -2.45 -13.47
CA PHE B 52 -4.43 -3.17 -14.73
C PHE B 52 -3.85 -2.22 -15.78
N SER B 53 -2.66 -2.54 -16.29
CA SER B 53 -1.93 -1.63 -17.15
C SER B 53 -1.07 -2.37 -18.16
N THR B 54 -0.92 -1.81 -19.35
CA THR B 54 0.00 -2.36 -20.34
C THR B 54 1.16 -1.42 -20.61
N GLY B 55 1.40 -0.48 -19.70
CA GLY B 55 2.50 0.44 -19.88
C GLY B 55 2.43 1.61 -18.91
N LYS B 56 3.59 2.08 -18.48
CA LYS B 56 3.63 3.19 -17.51
C LYS B 56 4.73 4.21 -17.79
N GLY B 57 5.21 4.27 -19.04
CA GLY B 57 6.19 5.27 -19.41
C GLY B 57 5.69 6.68 -19.13
N VAL B 58 4.39 6.86 -19.32
CA VAL B 58 3.70 8.04 -18.83
C VAL B 58 2.53 7.51 -18.03
N ARG B 59 1.97 8.32 -17.15
CA ARG B 59 0.72 7.92 -16.51
C ARG B 59 -0.40 8.02 -17.53
N ARG B 60 -0.77 6.87 -18.07
CA ARG B 60 -1.79 6.79 -19.10
C ARG B 60 -3.12 7.27 -18.55
N PRO B 61 -4.02 7.70 -19.43
CA PRO B 61 -5.38 8.05 -19.00
C PRO B 61 -5.97 6.85 -18.25
N ALA B 62 -6.72 7.09 -17.18
CA ALA B 62 -7.14 6.03 -16.29
C ALA B 62 -8.63 6.08 -15.98
N VAL B 63 -9.20 4.92 -15.73
CA VAL B 63 -10.57 4.82 -15.23
C VAL B 63 -10.51 4.19 -13.83
N TRP B 64 -11.24 4.77 -12.90
CA TRP B 64 -11.35 4.22 -11.55
C TRP B 64 -12.67 3.47 -11.46
N LEU B 65 -12.60 2.19 -11.06
CA LEU B 65 -13.79 1.38 -10.78
C LEU B 65 -13.91 1.13 -9.27
N ASN B 66 -14.90 1.75 -8.65
CA ASN B 66 -15.12 1.71 -7.22
C ASN B 66 -16.22 0.72 -6.90
N ALA B 67 -16.02 -0.09 -5.86
CA ALA B 67 -17.06 -1.04 -5.41
C ALA B 67 -17.06 -1.21 -3.89
N GLY B 68 -18.20 -1.62 -3.36
CA GLY B 68 -18.30 -1.94 -1.96
C GLY B 68 -18.12 -0.76 -1.03
N ILE B 69 -18.41 0.46 -1.48
CA ILE B 69 -18.31 1.57 -0.55
C ILE B 69 -19.37 1.43 0.55
N HIS B 70 -20.50 0.81 0.20
CA HIS B 70 -21.55 0.50 1.17
C HIS B 70 -21.56 -1.00 1.43
N SER B 71 -21.33 -1.38 2.68
CA SER B 71 -20.95 -2.75 2.97
C SER B 71 -22.02 -3.78 2.67
N ARG B 72 -23.28 -3.44 2.91
CA ARG B 72 -24.40 -4.37 2.72
C ARG B 72 -24.69 -4.71 1.25
N GLU B 73 -24.08 -3.97 0.34
CA GLU B 73 -24.36 -4.17 -1.10
C GLU B 73 -23.49 -5.28 -1.71
N TRP B 74 -23.65 -6.50 -1.20
CA TRP B 74 -22.77 -7.61 -1.50
C TRP B 74 -22.56 -7.88 -2.98
N ILE B 75 -23.58 -7.63 -3.80
CA ILE B 75 -23.45 -7.84 -5.25
C ILE B 75 -22.35 -6.94 -5.84
N SER B 76 -22.08 -5.82 -5.19
CA SER B 76 -21.05 -4.90 -5.67
C SER B 76 -19.65 -5.50 -5.55
N GLN B 77 -19.29 -5.98 -4.35
CA GLN B 77 -17.97 -6.56 -4.16
C GLN B 77 -17.82 -7.80 -5.01
N ALA B 78 -18.88 -8.61 -5.05
CA ALA B 78 -18.84 -9.88 -5.81
C ALA B 78 -18.62 -9.62 -7.30
N THR B 79 -19.31 -8.63 -7.83
CA THR B 79 -19.16 -8.23 -9.23
C THR B 79 -17.74 -7.72 -9.47
N ALA B 80 -17.24 -6.97 -8.50
CA ALA B 80 -15.90 -6.41 -8.60
C ALA B 80 -14.82 -7.48 -8.72
N ILE B 81 -14.86 -8.50 -7.87
CA ILE B 81 -13.81 -9.51 -7.91
C ILE B 81 -13.92 -10.37 -9.19
N TRP B 82 -15.15 -10.59 -9.64
CA TRP B 82 -15.37 -11.31 -10.89
C TRP B 82 -14.75 -10.50 -12.03
N THR B 83 -14.86 -9.17 -11.94
CA THR B 83 -14.33 -8.28 -12.96
C THR B 83 -12.80 -8.30 -13.03
N ALA B 84 -12.15 -8.45 -11.88
CA ALA B 84 -10.70 -8.57 -11.83
C ALA B 84 -10.26 -9.82 -12.60
N ARG B 85 -10.94 -10.93 -12.37
CA ARG B 85 -10.66 -12.18 -13.08
C ARG B 85 -10.97 -12.05 -14.57
N LYS B 86 -12.07 -11.40 -14.91
CA LYS B 86 -12.48 -11.23 -16.30
C LYS B 86 -11.44 -10.48 -17.14
N ILE B 87 -10.87 -9.43 -16.56
CA ILE B 87 -9.83 -8.65 -17.24
C ILE B 87 -8.59 -9.47 -17.56
N VAL B 88 -8.06 -10.18 -16.58
CA VAL B 88 -6.84 -10.95 -16.80
C VAL B 88 -7.12 -12.14 -17.71
N SER B 89 -8.34 -12.67 -17.62
CA SER B 89 -8.77 -13.77 -18.47
C SER B 89 -8.90 -13.34 -19.92
N ASP B 90 -9.33 -12.10 -20.14
CA ASP B 90 -9.71 -11.67 -21.47
C ASP B 90 -8.73 -10.75 -22.20
N TYR B 91 -7.72 -10.25 -21.50
CA TYR B 91 -6.73 -9.41 -22.17
C TYR B 91 -6.02 -10.20 -23.26
N GLN B 92 -6.01 -9.64 -24.47
CA GLN B 92 -5.40 -10.26 -25.65
C GLN B 92 -6.19 -11.45 -26.17
N ARG B 93 -7.48 -11.50 -25.82
CA ARG B 93 -8.37 -12.52 -26.34
C ARG B 93 -9.64 -11.84 -26.80
N ASP B 94 -10.22 -11.04 -25.91
CA ASP B 94 -11.30 -10.15 -26.27
C ASP B 94 -10.73 -8.89 -26.86
N PRO B 95 -11.06 -8.60 -28.13
CA PRO B 95 -10.58 -7.38 -28.81
C PRO B 95 -10.99 -6.10 -28.08
N ALA B 96 -12.16 -6.12 -27.45
CA ALA B 96 -12.71 -4.93 -26.80
C ALA B 96 -11.86 -4.48 -25.60
N ILE B 97 -11.70 -5.33 -24.60
CA ILE B 97 -10.92 -4.96 -23.44
C ILE B 97 -9.44 -4.77 -23.78
N THR B 98 -8.95 -5.53 -24.75
CA THR B 98 -7.56 -5.38 -25.16
C THR B 98 -7.27 -3.95 -25.65
N SER B 99 -8.14 -3.42 -26.49
CA SER B 99 -7.91 -2.09 -27.05
C SER B 99 -8.05 -1.01 -25.99
N ILE B 100 -8.93 -1.23 -25.04
CA ILE B 100 -9.11 -0.30 -23.93
C ILE B 100 -7.82 -0.21 -23.13
N LEU B 101 -7.27 -1.37 -22.77
CA LEU B 101 -6.05 -1.43 -21.98
C LEU B 101 -4.81 -1.02 -22.75
N GLU B 102 -4.89 -1.03 -24.08
CA GLU B 102 -3.74 -0.60 -24.87
C GLU B 102 -3.58 0.91 -24.79
N LYS B 103 -4.67 1.60 -24.45
CA LYS B 103 -4.64 3.06 -24.35
C LYS B 103 -4.83 3.60 -22.92
N MET B 104 -5.39 2.79 -22.03
CA MET B 104 -5.66 3.30 -20.67
C MET B 104 -5.47 2.29 -19.55
N ASP B 105 -5.19 2.81 -18.36
CA ASP B 105 -5.10 1.99 -17.15
C ASP B 105 -6.47 1.85 -16.51
N ILE B 106 -6.69 0.75 -15.81
CA ILE B 106 -7.91 0.58 -15.03
C ILE B 106 -7.50 0.30 -13.59
N PHE B 107 -8.00 1.12 -12.66
CA PHE B 107 -7.78 0.89 -11.24
C PHE B 107 -9.08 0.36 -10.65
N LEU B 108 -9.01 -0.77 -9.95
CA LEU B 108 -10.21 -1.38 -9.41
C LEU B 108 -10.10 -1.58 -7.90
N LEU B 109 -11.09 -1.06 -7.19
CA LEU B 109 -11.20 -1.21 -5.74
C LEU B 109 -12.43 -2.06 -5.39
N PRO B 110 -12.24 -3.37 -5.23
CA PRO B 110 -13.39 -4.25 -4.96
C PRO B 110 -14.11 -4.00 -3.62
N VAL B 111 -13.37 -3.63 -2.58
CA VAL B 111 -13.97 -3.39 -1.26
C VAL B 111 -13.52 -2.05 -0.70
N ALA B 112 -14.25 -0.98 -1.04
CA ALA B 112 -13.94 0.37 -0.59
C ALA B 112 -14.20 0.62 0.90
N ASN B 113 -14.87 -0.33 1.56
CA ASN B 113 -15.28 -0.20 2.95
C ASN B 113 -15.08 -1.56 3.62
N PRO B 114 -13.82 -1.94 3.87
CA PRO B 114 -13.51 -3.28 4.40
C PRO B 114 -14.09 -3.55 5.79
N ASP B 115 -14.03 -2.57 6.69
CA ASP B 115 -14.55 -2.78 8.05
C ASP B 115 -16.03 -3.08 8.01
N GLY B 116 -16.77 -2.28 7.26
CA GLY B 116 -18.20 -2.52 7.11
C GLY B 116 -18.47 -3.91 6.56
N TYR B 117 -17.67 -4.34 5.58
CA TYR B 117 -17.93 -5.63 4.94
C TYR B 117 -17.78 -6.77 5.95
N VAL B 118 -16.68 -6.75 6.69
CA VAL B 118 -16.45 -7.75 7.74
C VAL B 118 -17.62 -7.76 8.70
N TYR B 119 -18.05 -6.56 9.11
CA TYR B 119 -19.18 -6.42 10.02
C TYR B 119 -20.50 -7.02 9.47
N THR B 120 -20.74 -6.89 8.16
CA THR B 120 -21.98 -7.43 7.57
C THR B 120 -22.00 -8.95 7.53
N GLN B 121 -20.83 -9.56 7.52
CA GLN B 121 -20.76 -11.02 7.44
C GLN B 121 -21.02 -11.66 8.79
N THR B 122 -20.80 -10.91 9.88
CA THR B 122 -20.79 -11.50 11.21
C THR B 122 -21.79 -10.91 12.21
N GLN B 123 -22.19 -9.65 12.02
CA GLN B 123 -22.96 -8.93 13.04
C GLN B 123 -24.27 -8.28 12.58
N ASN B 124 -24.29 -7.75 11.38
CA ASN B 124 -25.46 -7.00 10.90
C ASN B 124 -25.41 -6.95 9.40
N ARG B 125 -26.18 -7.84 8.77
CA ARG B 125 -26.18 -8.00 7.31
C ARG B 125 -26.50 -6.71 6.56
N LEU B 126 -27.25 -5.82 7.19
CA LEU B 126 -27.67 -4.59 6.53
C LEU B 126 -26.85 -3.36 6.93
N TRP B 127 -25.68 -3.55 7.53
CA TRP B 127 -24.81 -2.38 7.81
C TRP B 127 -24.31 -1.69 6.53
N ARG B 128 -24.40 -0.35 6.51
CA ARG B 128 -24.06 0.46 5.36
C ARG B 128 -22.77 1.28 5.51
N LYS B 129 -22.58 1.85 6.71
CA LYS B 129 -21.59 2.88 6.94
C LYS B 129 -20.18 2.33 7.15
N THR B 130 -19.22 3.23 7.39
CA THR B 130 -17.93 2.81 7.91
C THR B 130 -18.12 2.35 9.36
N ARG B 131 -17.03 2.08 10.06
CA ARG B 131 -17.10 1.65 11.46
C ARG B 131 -16.28 2.55 12.38
N SER B 132 -16.11 3.81 11.97
CA SER B 132 -15.35 4.77 12.78
C SER B 132 -16.11 5.21 14.02
N ARG B 133 -15.38 5.56 15.07
CA ARG B 133 -15.98 6.11 16.28
C ARG B 133 -16.55 7.51 16.05
N ASN B 134 -17.68 7.78 16.70
CA ASN B 134 -18.23 9.11 16.78
C ASN B 134 -18.10 9.55 18.23
N PRO B 135 -17.18 10.49 18.50
CA PRO B 135 -16.93 10.84 19.90
C PRO B 135 -18.22 11.21 20.63
N GLY B 136 -18.34 10.71 21.86
CA GLY B 136 -19.47 11.02 22.72
C GLY B 136 -20.76 10.34 22.30
N SER B 137 -20.69 9.46 21.30
CA SER B 137 -21.90 8.82 20.82
C SER B 137 -21.74 7.30 20.78
N SER B 138 -22.83 6.61 21.11
CA SER B 138 -22.86 5.15 20.99
C SER B 138 -23.18 4.71 19.56
N CYS B 139 -23.49 5.67 18.69
CA CYS B 139 -23.72 5.36 17.28
C CYS B 139 -22.42 5.38 16.51
N ILE B 140 -22.20 4.38 15.66
CA ILE B 140 -20.93 4.20 14.98
C ILE B 140 -21.01 4.49 13.48
N GLY B 141 -19.94 5.05 12.93
CA GLY B 141 -19.76 5.17 11.50
C GLY B 141 -20.32 6.41 10.84
N ALA B 142 -19.84 6.68 9.63
CA ALA B 142 -20.39 7.72 8.77
C ALA B 142 -20.63 7.09 7.40
N ASP B 143 -21.50 7.70 6.61
CA ASP B 143 -21.75 7.22 5.26
C ASP B 143 -20.62 7.70 4.36
N PRO B 144 -19.78 6.76 3.89
CA PRO B 144 -18.63 7.19 3.08
C PRO B 144 -19.07 7.82 1.77
N ASN B 145 -20.30 7.55 1.32
CA ASN B 145 -20.78 8.22 0.10
C ASN B 145 -21.53 9.52 0.34
N ARG B 146 -21.38 10.06 1.55
CA ARG B 146 -21.81 11.44 1.82
C ARG B 146 -20.61 12.22 2.37
N ASN B 147 -19.44 11.62 2.31
CA ASN B 147 -18.25 12.14 3.01
C ASN B 147 -17.31 12.90 2.08
N TRP B 148 -17.61 12.90 0.78
CA TRP B 148 -16.74 13.51 -0.22
C TRP B 148 -16.93 15.02 -0.28
N ASN B 149 -15.88 15.72 -0.73
CA ASN B 149 -15.91 17.18 -0.75
C ASN B 149 -16.67 17.72 -1.96
N ALA B 150 -17.96 17.47 -2.00
CA ALA B 150 -18.82 17.89 -3.11
C ALA B 150 -20.15 18.32 -2.54
N SER B 151 -20.29 19.63 -2.37
CA SER B 151 -21.42 20.18 -1.62
C SER B 151 -21.56 19.42 -0.28
N PHE B 152 -20.44 19.28 0.41
CA PHE B 152 -20.43 18.54 1.68
C PHE B 152 -21.46 19.09 2.66
N ALA B 153 -22.22 18.17 3.25
CA ALA B 153 -23.22 18.49 4.25
C ALA B 153 -24.39 19.32 3.71
N GLY B 154 -24.55 19.32 2.39
CA GLY B 154 -25.70 19.95 1.78
C GLY B 154 -26.92 19.08 2.03
N LYS B 155 -28.09 19.56 1.62
CA LYS B 155 -29.28 18.72 1.70
C LYS B 155 -28.94 17.46 0.94
N GLY B 156 -29.38 16.32 1.46
CA GLY B 156 -29.04 15.04 0.86
C GLY B 156 -28.05 14.28 1.71
N ALA B 157 -28.14 14.47 3.04
CA ALA B 157 -27.29 13.81 4.02
C ALA B 157 -27.83 14.16 5.42
N SER B 158 -27.24 13.59 6.47
CA SER B 158 -27.71 13.85 7.83
C SER B 158 -26.61 14.35 8.75
N ASP B 159 -26.98 15.22 9.70
CA ASP B 159 -26.06 15.70 10.73
C ASP B 159 -26.00 14.75 11.92
N ASN B 160 -26.81 13.70 11.88
CA ASN B 160 -26.95 12.81 13.02
C ASN B 160 -26.13 11.54 12.85
N PRO B 161 -25.17 11.32 13.76
CA PRO B 161 -24.26 10.15 13.77
C PRO B 161 -25.05 8.84 13.73
N CYS B 162 -26.30 8.87 14.17
CA CYS B 162 -27.09 7.64 14.26
C CYS B 162 -27.83 7.30 12.96
N SER B 163 -27.68 8.16 11.95
CA SER B 163 -28.33 7.97 10.65
C SER B 163 -27.48 7.21 9.64
N GLU B 164 -28.13 6.46 8.76
CA GLU B 164 -27.51 5.80 7.60
C GLU B 164 -26.72 6.75 6.72
N VAL B 165 -27.14 8.02 6.70
CA VAL B 165 -26.56 8.99 5.77
C VAL B 165 -25.80 10.11 6.49
N TYR B 166 -25.30 9.81 7.69
CA TYR B 166 -24.46 10.74 8.43
C TYR B 166 -23.24 11.13 7.59
N HIS B 167 -22.99 12.43 7.44
CA HIS B 167 -21.89 12.85 6.56
C HIS B 167 -20.50 12.83 7.18
N GLY B 168 -20.41 12.72 8.51
CA GLY B 168 -19.14 12.80 9.20
C GLY B 168 -18.88 14.25 9.60
N PRO B 169 -17.88 14.47 10.44
CA PRO B 169 -17.66 15.83 10.96
C PRO B 169 -17.19 16.81 9.89
N HIS B 170 -16.45 16.30 8.91
CA HIS B 170 -15.94 17.13 7.82
C HIS B 170 -15.67 16.25 6.61
N ALA B 171 -15.52 16.85 5.43
CA ALA B 171 -15.20 16.08 4.24
C ALA B 171 -13.90 15.31 4.38
N ASN B 172 -13.88 14.09 3.82
CA ASN B 172 -12.71 13.21 3.93
C ASN B 172 -12.36 12.79 5.35
N SER B 173 -13.30 12.91 6.29
CA SER B 173 -13.05 12.45 7.65
C SER B 173 -12.81 10.94 7.69
N GLU B 174 -13.46 10.20 6.79
CA GLU B 174 -13.29 8.77 6.76
C GLU B 174 -12.03 8.39 5.98
N VAL B 175 -11.10 7.71 6.66
CA VAL B 175 -9.80 7.41 6.05
C VAL B 175 -9.94 6.56 4.78
N GLU B 176 -11.02 5.79 4.68
CA GLU B 176 -11.31 5.00 3.48
C GLU B 176 -11.52 5.90 2.28
N VAL B 177 -12.18 7.03 2.51
CA VAL B 177 -12.47 7.98 1.45
C VAL B 177 -11.24 8.85 1.18
N LYS B 178 -10.60 9.34 2.23
CA LYS B 178 -9.37 10.10 2.08
C LYS B 178 -8.31 9.34 1.27
N SER B 179 -8.19 8.04 1.52
CA SER B 179 -7.21 7.22 0.80
C SER B 179 -7.45 7.23 -0.71
N VAL B 180 -8.73 7.14 -1.11
CA VAL B 180 -9.05 7.17 -2.52
C VAL B 180 -8.84 8.55 -3.13
N VAL B 181 -9.31 9.57 -2.44
CA VAL B 181 -9.13 10.94 -2.88
C VAL B 181 -7.64 11.26 -3.04
N ASP B 182 -6.86 10.93 -2.02
CA ASP B 182 -5.41 11.19 -2.05
C ASP B 182 -4.73 10.51 -3.23
N PHE B 183 -5.07 9.24 -3.49
CA PHE B 183 -4.46 8.53 -4.61
C PHE B 183 -4.82 9.15 -5.96
N ILE B 184 -6.11 9.38 -6.18
CA ILE B 184 -6.54 9.99 -7.41
C ILE B 184 -5.89 11.36 -7.64
N GLN B 185 -5.82 12.17 -6.59
CA GLN B 185 -5.24 13.50 -6.74
C GLN B 185 -3.73 13.43 -7.03
N LYS B 186 -3.07 12.50 -6.36
CA LYS B 186 -1.63 12.26 -6.52
C LYS B 186 -1.27 11.73 -7.90
N HIS B 187 -1.98 10.67 -8.31
CA HIS B 187 -1.68 9.98 -9.55
C HIS B 187 -2.07 10.81 -10.77
N GLY B 188 -3.32 11.28 -10.77
CA GLY B 188 -3.82 12.14 -11.82
C GLY B 188 -4.23 11.44 -13.10
N ASN B 189 -4.70 12.23 -14.06
CA ASN B 189 -5.07 11.75 -15.40
C ASN B 189 -6.23 10.75 -15.42
N PHE B 190 -7.14 10.90 -14.48
CA PHE B 190 -8.34 10.07 -14.47
C PHE B 190 -9.41 10.66 -15.38
N LYS B 191 -9.92 9.82 -16.27
CA LYS B 191 -10.93 10.22 -17.24
C LYS B 191 -12.29 9.65 -16.89
N GLY B 192 -12.29 8.54 -16.15
CA GLY B 192 -13.53 7.92 -15.74
C GLY B 192 -13.53 7.55 -14.27
N PHE B 193 -14.71 7.61 -13.65
CA PHE B 193 -14.93 7.13 -12.28
C PHE B 193 -16.32 6.48 -12.23
N ILE B 194 -16.33 5.16 -12.01
CA ILE B 194 -17.57 4.40 -12.01
C ILE B 194 -17.74 3.73 -10.64
N ASP B 195 -18.86 4.00 -9.99
CA ASP B 195 -19.08 3.58 -8.61
C ASP B 195 -20.20 2.54 -8.55
N LEU B 196 -19.86 1.32 -8.14
CA LEU B 196 -20.83 0.21 -8.16
C LEU B 196 -21.57 0.08 -6.84
N HIS B 197 -22.90 0.26 -6.90
CA HIS B 197 -23.80 0.14 -5.76
C HIS B 197 -24.91 -0.85 -6.08
N SER B 198 -25.74 -1.15 -5.08
CA SER B 198 -27.05 -1.78 -5.32
C SER B 198 -28.02 -1.28 -4.25
N TYR B 199 -29.33 -1.44 -4.44
CA TYR B 199 -29.97 -2.03 -5.63
C TYR B 199 -30.89 -0.97 -6.25
N SER B 200 -31.37 -1.25 -7.47
CA SER B 200 -32.47 -0.53 -8.15
C SER B 200 -32.40 -0.58 -9.69
N GLN B 201 -31.30 -1.08 -10.23
CA GLN B 201 -31.12 -1.15 -11.68
C GLN B 201 -31.22 0.23 -12.32
N LEU B 202 -30.28 1.10 -11.94
CA LEU B 202 -30.23 2.46 -12.44
C LEU B 202 -28.81 2.76 -12.91
N LEU B 203 -28.66 3.58 -13.94
CA LEU B 203 -27.35 4.05 -14.35
C LEU B 203 -27.40 5.58 -14.34
N MET B 204 -26.61 6.18 -13.46
CA MET B 204 -26.75 7.60 -13.15
C MET B 204 -25.46 8.41 -13.34
N TYR B 205 -25.62 9.71 -13.49
CA TYR B 205 -24.49 10.62 -13.61
C TYR B 205 -24.78 11.84 -12.77
N PRO B 206 -23.82 12.77 -12.66
CA PRO B 206 -24.05 13.94 -11.81
C PRO B 206 -25.24 14.79 -12.32
N TYR B 207 -25.91 15.52 -11.43
CA TYR B 207 -25.53 15.61 -10.02
C TYR B 207 -26.50 14.97 -9.06
N GLY B 208 -25.99 14.63 -7.88
CA GLY B 208 -26.81 14.25 -6.76
C GLY B 208 -27.10 15.42 -5.83
N TYR B 209 -26.19 16.40 -5.78
CA TYR B 209 -26.30 17.45 -4.76
C TYR B 209 -27.14 18.66 -5.15
N SER B 210 -27.74 18.62 -6.33
CA SER B 210 -28.67 19.69 -6.73
C SER B 210 -29.34 19.35 -8.05
N VAL B 211 -30.37 20.13 -8.40
CA VAL B 211 -31.12 19.88 -9.62
C VAL B 211 -30.42 20.46 -10.83
N LYS B 212 -29.31 21.17 -10.60
CA LYS B 212 -28.57 21.80 -11.69
C LYS B 212 -28.06 20.75 -12.66
N LYS B 213 -28.18 21.04 -13.95
CA LYS B 213 -27.74 20.11 -14.97
C LYS B 213 -26.22 20.18 -15.16
N ALA B 214 -25.57 19.02 -15.25
CA ALA B 214 -24.14 18.95 -15.53
C ALA B 214 -23.86 19.41 -16.96
N PRO B 215 -22.80 20.22 -17.15
CA PRO B 215 -22.44 20.71 -18.48
C PRO B 215 -22.32 19.60 -19.52
N ASP B 216 -21.98 18.38 -19.08
CA ASP B 216 -21.80 17.26 -19.98
C ASP B 216 -23.01 16.32 -20.01
N ALA B 217 -24.11 16.77 -19.40
CA ALA B 217 -25.30 15.93 -19.26
C ALA B 217 -25.71 15.18 -20.52
N GLU B 218 -25.78 15.89 -21.64
CA GLU B 218 -26.22 15.28 -22.89
C GLU B 218 -25.32 14.12 -23.29
N GLU B 219 -24.01 14.33 -23.19
CA GLU B 219 -23.07 13.29 -23.58
C GLU B 219 -23.14 12.15 -22.58
N LEU B 220 -23.20 12.49 -21.29
CA LEU B 220 -23.27 11.46 -20.26
C LEU B 220 -24.52 10.61 -20.40
N ASP B 221 -25.65 11.24 -20.71
CA ASP B 221 -26.89 10.50 -20.89
C ASP B 221 -26.80 9.54 -22.07
N LYS B 222 -26.31 10.04 -23.19
CA LYS B 222 -26.17 9.23 -24.39
C LYS B 222 -25.32 7.99 -24.13
N VAL B 223 -24.21 8.17 -23.41
CA VAL B 223 -23.31 7.07 -23.08
C VAL B 223 -23.99 6.06 -22.16
N ALA B 224 -24.67 6.56 -21.14
CA ALA B 224 -25.37 5.73 -20.18
C ALA B 224 -26.44 4.87 -20.87
N ARG B 225 -27.15 5.47 -21.81
CA ARG B 225 -28.17 4.74 -22.55
C ARG B 225 -27.57 3.62 -23.40
N LEU B 226 -26.52 3.95 -24.14
CA LEU B 226 -25.80 2.94 -24.90
C LEU B 226 -25.39 1.78 -24.00
N ALA B 227 -24.88 2.12 -22.82
CA ALA B 227 -24.38 1.12 -21.88
C ALA B 227 -25.51 0.27 -21.31
N ALA B 228 -26.62 0.92 -20.96
CA ALA B 228 -27.76 0.20 -20.42
C ALA B 228 -28.25 -0.80 -21.45
N LYS B 229 -28.17 -0.42 -22.72
CA LYS B 229 -28.60 -1.28 -23.81
C LYS B 229 -27.69 -2.49 -23.94
N ALA B 230 -26.38 -2.25 -23.92
CA ALA B 230 -25.42 -3.36 -23.97
C ALA B 230 -25.65 -4.32 -22.81
N LEU B 231 -25.83 -3.77 -21.61
CA LEU B 231 -26.11 -4.58 -20.43
C LEU B 231 -27.37 -5.45 -20.64
N ALA B 232 -28.43 -4.82 -21.11
CA ALA B 232 -29.71 -5.53 -21.28
C ALA B 232 -29.64 -6.64 -22.33
N SER B 233 -28.63 -6.58 -23.19
CA SER B 233 -28.52 -7.54 -24.29
C SER B 233 -28.27 -8.97 -23.82
N VAL B 234 -27.68 -9.11 -22.63
CA VAL B 234 -27.29 -10.42 -22.13
C VAL B 234 -28.48 -11.26 -21.71
N SER B 235 -29.33 -10.70 -20.85
CA SER B 235 -30.47 -11.45 -20.32
C SER B 235 -31.73 -10.60 -20.16
N GLY B 236 -31.72 -9.39 -20.70
CA GLY B 236 -32.90 -8.56 -20.71
C GLY B 236 -33.10 -7.63 -19.53
N THR B 237 -32.09 -7.54 -18.67
CA THR B 237 -32.20 -6.71 -17.46
C THR B 237 -32.36 -5.21 -17.80
N GLU B 238 -33.49 -4.65 -17.38
CA GLU B 238 -33.82 -3.25 -17.69
C GLU B 238 -33.31 -2.27 -16.63
N TYR B 239 -32.53 -1.28 -17.09
CA TYR B 239 -32.03 -0.20 -16.25
C TYR B 239 -32.66 1.14 -16.61
N GLN B 240 -32.89 1.97 -15.61
CA GLN B 240 -33.24 3.36 -15.87
C GLN B 240 -31.99 4.20 -15.97
N VAL B 241 -32.09 5.37 -16.60
CA VAL B 241 -30.95 6.24 -16.84
C VAL B 241 -31.27 7.70 -16.56
N GLY B 242 -30.41 8.38 -15.80
CA GLY B 242 -30.57 9.80 -15.56
C GLY B 242 -29.64 10.35 -14.49
N PRO B 243 -29.80 11.64 -14.16
CA PRO B 243 -28.98 12.27 -13.12
C PRO B 243 -29.42 11.83 -11.73
N THR B 244 -28.47 11.75 -10.82
CA THR B 244 -28.74 11.20 -9.49
C THR B 244 -29.93 11.80 -8.76
N CYS B 245 -29.90 13.11 -8.57
CA CYS B 245 -30.87 13.80 -7.74
C CYS B 245 -32.31 13.45 -8.13
N THR B 246 -32.61 13.49 -9.43
CA THR B 246 -33.98 13.21 -9.87
C THR B 246 -34.28 11.74 -10.18
N THR B 247 -33.25 10.91 -10.34
CA THR B 247 -33.48 9.52 -10.70
C THR B 247 -33.65 8.64 -9.47
N VAL B 248 -32.94 8.95 -8.39
CA VAL B 248 -33.08 8.19 -7.16
C VAL B 248 -33.46 9.07 -5.95
N TYR B 249 -32.64 10.05 -5.63
CA TYR B 249 -32.90 11.00 -4.54
C TYR B 249 -31.74 11.97 -4.39
N PRO B 250 -31.95 13.08 -3.66
CA PRO B 250 -30.84 14.01 -3.41
C PRO B 250 -29.75 13.33 -2.58
N ALA B 251 -28.50 13.63 -2.90
CA ALA B 251 -27.38 13.07 -2.16
C ALA B 251 -26.22 14.05 -2.31
N SER B 252 -25.77 14.59 -1.18
CA SER B 252 -24.61 15.47 -1.18
C SER B 252 -23.35 14.72 -0.73
N GLY B 253 -22.19 15.18 -1.19
CA GLY B 253 -20.93 14.60 -0.76
C GLY B 253 -20.69 13.21 -1.31
N SER B 254 -21.23 12.93 -2.48
CA SER B 254 -21.08 11.59 -3.05
C SER B 254 -19.89 11.50 -3.98
N SER B 255 -19.44 10.28 -4.24
CA SER B 255 -18.17 10.05 -4.94
C SER B 255 -18.17 10.59 -6.36
N ILE B 256 -19.18 10.23 -7.14
CA ILE B 256 -19.15 10.59 -8.56
C ILE B 256 -19.27 12.10 -8.79
N ASP B 257 -19.96 12.79 -7.88
CA ASP B 257 -20.06 14.24 -7.96
C ASP B 257 -18.71 14.86 -7.63
N TRP B 258 -18.02 14.30 -6.64
CA TRP B 258 -16.69 14.78 -6.34
C TRP B 258 -15.78 14.59 -7.55
N ALA B 259 -15.83 13.39 -8.13
CA ALA B 259 -14.99 13.09 -9.29
C ALA B 259 -15.27 14.05 -10.44
N TYR B 260 -16.54 14.25 -10.75
CA TYR B 260 -16.93 15.14 -11.84
C TYR B 260 -16.43 16.57 -11.62
N ASP B 261 -16.52 17.03 -10.38
CA ASP B 261 -16.11 18.39 -10.02
C ASP B 261 -14.60 18.52 -9.90
N ASN B 262 -13.91 17.39 -9.99
CA ASN B 262 -12.46 17.40 -9.89
C ASN B 262 -11.76 16.86 -11.13
N GLY B 263 -12.34 17.16 -12.29
CA GLY B 263 -11.70 16.89 -13.57
C GLY B 263 -11.91 15.53 -14.19
N ILE B 264 -12.81 14.73 -13.60
CA ILE B 264 -13.07 13.40 -14.14
C ILE B 264 -14.45 13.42 -14.80
N LYS B 265 -14.46 13.46 -16.13
CA LYS B 265 -15.67 13.74 -16.89
C LYS B 265 -16.70 12.61 -16.91
N PHE B 266 -16.23 11.38 -17.14
CA PHE B 266 -17.13 10.24 -17.25
C PHE B 266 -17.37 9.60 -15.87
N ALA B 267 -18.30 10.21 -15.15
CA ALA B 267 -18.59 9.83 -13.77
C ALA B 267 -19.99 9.22 -13.69
N PHE B 268 -20.06 7.96 -13.27
CA PHE B 268 -21.31 7.20 -13.31
C PHE B 268 -21.46 6.32 -12.08
N THR B 269 -22.70 6.21 -11.58
CA THR B 269 -23.03 5.25 -10.55
C THR B 269 -23.89 4.15 -11.15
N PHE B 270 -23.51 2.90 -10.92
CA PHE B 270 -24.38 1.77 -11.22
C PHE B 270 -25.14 1.37 -9.96
N GLU B 271 -26.45 1.26 -10.08
CA GLU B 271 -27.23 0.57 -9.06
C GLU B 271 -27.59 -0.79 -9.65
N LEU B 272 -26.98 -1.84 -9.12
CA LEU B 272 -27.07 -3.18 -9.69
C LEU B 272 -28.39 -3.86 -9.30
N ARG B 273 -28.56 -5.14 -9.63
CA ARG B 273 -29.79 -5.87 -9.33
C ARG B 273 -30.03 -5.90 -7.83
N ASP B 274 -31.30 -6.01 -7.41
CA ASP B 274 -32.46 -6.11 -8.30
C ASP B 274 -33.33 -4.88 -8.16
N THR B 275 -34.67 -5.02 -8.20
CA THR B 275 -35.54 -3.87 -8.07
C THR B 275 -36.38 -3.90 -6.79
N GLY B 276 -36.06 -4.83 -5.90
CA GLY B 276 -36.73 -4.87 -4.61
C GLY B 276 -37.12 -6.25 -4.11
N THR B 277 -37.26 -7.23 -5.01
CA THR B 277 -37.68 -8.58 -4.60
C THR B 277 -36.77 -9.16 -3.52
N TYR B 278 -35.47 -9.09 -3.74
CA TYR B 278 -34.49 -9.46 -2.72
C TYR B 278 -33.78 -8.25 -2.14
N GLY B 279 -33.71 -7.15 -2.88
CA GLY B 279 -33.04 -5.96 -2.40
C GLY B 279 -31.54 -6.18 -2.22
N PHE B 280 -31.02 -5.86 -1.04
CA PHE B 280 -29.59 -6.05 -0.76
C PHE B 280 -29.21 -7.53 -0.60
N LEU B 281 -30.19 -8.39 -0.33
CA LEU B 281 -29.91 -9.80 -0.15
C LEU B 281 -30.09 -10.55 -1.47
N LEU B 282 -29.39 -10.09 -2.51
CA LEU B 282 -29.45 -10.77 -3.81
C LEU B 282 -28.89 -12.19 -3.73
N PRO B 283 -29.69 -13.19 -4.14
CA PRO B 283 -29.20 -14.57 -4.05
C PRO B 283 -27.90 -14.77 -4.81
N ALA B 284 -27.04 -15.63 -4.29
CA ALA B 284 -25.71 -15.87 -4.86
C ALA B 284 -25.77 -16.38 -6.29
N ASN B 285 -26.86 -17.05 -6.66
CA ASN B 285 -26.98 -17.58 -8.02
C ASN B 285 -27.17 -16.48 -9.05
N GLN B 286 -27.30 -15.25 -8.59
CA GLN B 286 -27.38 -14.10 -9.49
C GLN B 286 -26.07 -13.33 -9.61
N ILE B 287 -25.02 -13.79 -8.93
CA ILE B 287 -23.73 -13.09 -8.98
C ILE B 287 -23.19 -13.03 -10.41
N ILE B 288 -22.89 -14.20 -10.97
CA ILE B 288 -22.34 -14.30 -12.32
C ILE B 288 -23.21 -13.63 -13.39
N PRO B 289 -24.52 -13.94 -13.41
CA PRO B 289 -25.36 -13.24 -14.39
C PRO B 289 -25.31 -11.71 -14.24
N THR B 290 -25.29 -11.22 -13.02
CA THR B 290 -25.17 -9.77 -12.83
C THR B 290 -23.84 -9.26 -13.37
N ALA B 291 -22.77 -9.95 -13.00
CA ALA B 291 -21.42 -9.55 -13.38
C ALA B 291 -21.27 -9.54 -14.89
N GLU B 292 -21.70 -10.62 -15.53
CA GLU B 292 -21.65 -10.73 -16.99
C GLU B 292 -22.31 -9.56 -17.68
N GLU B 293 -23.55 -9.25 -17.31
CA GLU B 293 -24.29 -8.18 -17.97
C GLU B 293 -23.69 -6.81 -17.64
N THR B 294 -23.21 -6.66 -16.42
CA THR B 294 -22.65 -5.38 -16.00
C THR B 294 -21.36 -5.11 -16.77
N TRP B 295 -20.62 -6.18 -17.05
CA TRP B 295 -19.38 -6.04 -17.79
C TRP B 295 -19.59 -5.41 -19.17
N LEU B 296 -20.67 -5.78 -19.85
CA LEU B 296 -20.97 -5.17 -21.14
C LEU B 296 -21.20 -3.67 -21.02
N GLY B 297 -21.87 -3.26 -19.94
CA GLY B 297 -22.10 -1.85 -19.71
C GLY B 297 -20.82 -1.08 -19.39
N LEU B 298 -19.93 -1.69 -18.60
CA LEU B 298 -18.66 -1.07 -18.26
C LEU B 298 -17.77 -0.93 -19.49
N LYS B 299 -17.73 -1.97 -20.32
CA LYS B 299 -16.92 -1.89 -21.54
C LYS B 299 -17.41 -0.77 -22.44
N THR B 300 -18.72 -0.63 -22.56
CA THR B 300 -19.31 0.42 -23.39
C THR B 300 -18.87 1.79 -22.91
N ILE B 301 -18.88 1.98 -21.60
CA ILE B 301 -18.43 3.25 -21.03
C ILE B 301 -16.98 3.49 -21.41
N MET B 302 -16.16 2.48 -21.16
CA MET B 302 -14.72 2.60 -21.34
C MET B 302 -14.34 2.72 -22.81
N GLU B 303 -15.13 2.11 -23.69
CA GLU B 303 -14.88 2.28 -25.12
C GLU B 303 -15.05 3.75 -25.49
N HIS B 304 -16.07 4.38 -24.93
CA HIS B 304 -16.32 5.78 -25.17
C HIS B 304 -15.17 6.66 -24.69
N VAL B 305 -14.68 6.37 -23.49
CA VAL B 305 -13.53 7.09 -22.94
C VAL B 305 -12.36 6.97 -23.92
N ARG B 306 -12.05 5.73 -24.30
CA ARG B 306 -10.97 5.46 -25.23
C ARG B 306 -11.08 6.38 -26.44
N ASP B 307 -12.29 6.49 -26.97
CA ASP B 307 -12.53 7.23 -28.21
C ASP B 307 -12.65 8.74 -28.03
N ASN B 308 -12.74 9.19 -26.78
CA ASN B 308 -12.80 10.62 -26.53
C ASN B 308 -11.56 11.11 -25.78
N VAL C 3 -28.12 -1.94 28.49
CA VAL C 3 -28.30 -1.35 27.16
C VAL C 3 -29.52 -0.43 27.18
N PRO C 4 -29.40 0.78 26.60
CA PRO C 4 -30.54 1.69 26.56
C PRO C 4 -31.69 1.01 25.81
N ASP C 5 -32.92 1.32 26.19
CA ASP C 5 -34.07 0.65 25.55
C ASP C 5 -34.59 1.41 24.35
N ASP C 6 -35.36 0.70 23.52
CA ASP C 6 -35.93 1.25 22.29
C ASP C 6 -36.66 2.55 22.58
N ARG C 7 -36.54 3.52 21.67
CA ARG C 7 -37.26 4.78 21.78
C ARG C 7 -37.36 5.43 20.40
N PRO C 8 -38.21 6.47 20.27
CA PRO C 8 -38.34 7.16 18.98
C PRO C 8 -37.03 7.79 18.52
N CYS C 9 -36.85 7.89 17.21
CA CYS C 9 -35.67 8.53 16.64
C CYS C 9 -35.72 10.04 16.79
N ILE C 10 -34.56 10.65 17.01
CA ILE C 10 -34.41 12.09 16.92
C ILE C 10 -33.80 12.39 15.55
N ASN C 11 -34.38 13.34 14.83
CA ASN C 11 -33.91 13.65 13.48
C ASN C 11 -33.79 12.39 12.62
N PRO C 12 -34.92 11.71 12.37
CA PRO C 12 -34.95 10.48 11.57
C PRO C 12 -34.50 10.71 10.13
N GLY C 13 -34.85 11.87 9.56
CA GLY C 13 -34.76 12.02 8.12
C GLY C 13 -35.80 11.13 7.44
N ARG C 14 -35.51 10.67 6.23
CA ARG C 14 -36.47 9.88 5.48
C ARG C 14 -35.90 8.52 5.08
N CYS C 15 -36.75 7.66 4.52
CA CYS C 15 -36.33 6.32 4.11
C CYS C 15 -36.73 6.09 2.64
N PRO C 16 -35.94 6.63 1.70
CA PRO C 16 -36.42 6.64 0.31
C PRO C 16 -36.74 5.27 -0.30
N LEU C 17 -35.97 4.23 0.04
CA LEU C 17 -36.23 2.91 -0.54
C LEU C 17 -37.54 2.29 -0.02
N VAL C 18 -37.91 2.65 1.21
CA VAL C 18 -39.13 2.12 1.82
C VAL C 18 -39.82 3.25 2.57
N PRO C 19 -40.49 4.14 1.82
CA PRO C 19 -41.05 5.39 2.35
C PRO C 19 -41.93 5.21 3.58
N ASP C 20 -42.65 4.08 3.67
CA ASP C 20 -43.57 3.84 4.77
C ASP C 20 -42.93 3.16 5.99
N ALA C 21 -41.63 2.94 5.95
CA ALA C 21 -40.94 2.35 7.09
C ALA C 21 -41.02 3.25 8.33
N THR C 22 -40.80 2.64 9.49
CA THR C 22 -40.84 3.30 10.79
C THR C 22 -39.45 3.29 11.42
N CYS C 23 -39.08 4.39 12.07
CA CYS C 23 -37.75 4.54 12.68
C CYS C 23 -37.82 4.34 14.18
N THR C 24 -36.81 3.67 14.72
CA THR C 24 -36.67 3.42 16.16
C THR C 24 -35.20 3.47 16.52
N PHE C 25 -34.87 4.19 17.59
CA PHE C 25 -33.52 4.20 18.13
C PHE C 25 -33.38 2.90 18.92
N VAL C 26 -32.41 2.06 18.51
CA VAL C 26 -32.25 0.71 19.07
C VAL C 26 -30.79 0.43 19.39
N CYS C 27 -30.54 -0.14 20.57
CA CYS C 27 -29.18 -0.45 21.01
C CYS C 27 -28.99 -1.95 21.25
N LYS C 28 -27.74 -2.38 21.21
CA LYS C 28 -27.38 -3.78 21.44
C LYS C 28 -26.04 -3.82 22.15
N ALA C 29 -25.84 -4.83 23.00
CA ALA C 29 -24.54 -5.05 23.61
C ALA C 29 -23.46 -5.11 22.54
N ALA C 30 -22.27 -4.60 22.87
CA ALA C 30 -21.15 -4.60 21.95
C ALA C 30 -19.84 -4.58 22.72
N ASP C 31 -18.83 -5.24 22.18
CA ASP C 31 -17.53 -5.31 22.85
C ASP C 31 -16.69 -4.08 22.52
N ASN C 32 -17.12 -2.94 23.03
CA ASN C 32 -16.34 -1.70 22.93
C ASN C 32 -16.41 -0.97 24.26
N ASP C 33 -15.80 0.21 24.33
CA ASP C 33 -15.72 0.89 25.63
C ASP C 33 -17.08 1.43 26.10
N PHE C 34 -17.98 1.68 25.15
CA PHE C 34 -19.35 2.03 25.51
C PHE C 34 -20.09 0.87 26.15
N GLY C 35 -19.78 -0.36 25.73
CA GLY C 35 -20.47 -1.54 26.25
C GLY C 35 -21.68 -1.93 25.39
N TYR C 36 -22.04 -1.03 24.47
CA TYR C 36 -23.18 -1.25 23.59
C TYR C 36 -23.04 -0.29 22.43
N GLU C 37 -23.84 -0.54 21.40
CA GLU C 37 -23.90 0.29 20.23
C GLU C 37 -25.36 0.58 19.91
N CYS C 38 -25.64 1.79 19.42
CA CYS C 38 -27.00 2.20 19.11
C CYS C 38 -27.04 2.70 17.68
N GLN C 39 -28.23 2.68 17.08
CA GLN C 39 -28.45 3.27 15.77
C GLN C 39 -29.93 3.52 15.54
N HIS C 40 -30.25 4.35 14.56
CA HIS C 40 -31.60 4.38 14.04
C HIS C 40 -31.82 3.06 13.30
N VAL C 41 -32.95 2.43 13.58
CA VAL C 41 -33.33 1.23 12.84
C VAL C 41 -34.68 1.48 12.15
N TRP C 42 -34.75 1.15 10.85
CA TRP C 42 -36.00 1.31 10.11
C TRP C 42 -36.64 -0.05 9.84
N THR C 43 -37.95 -0.14 10.08
CA THR C 43 -38.68 -1.41 9.94
C THR C 43 -39.96 -1.23 9.14
N PHE C 44 -40.31 -2.26 8.36
CA PHE C 44 -41.53 -2.23 7.55
C PHE C 44 -42.07 -3.64 7.44
N GLU C 45 -43.37 -3.79 7.73
CA GLU C 45 -44.02 -5.09 7.70
C GLU C 45 -43.24 -6.12 8.51
N GLY C 46 -42.71 -5.69 9.65
CA GLY C 46 -42.08 -6.60 10.59
C GLY C 46 -40.62 -6.95 10.34
N GLN C 47 -40.02 -6.34 9.33
CA GLN C 47 -38.61 -6.63 9.02
C GLN C 47 -37.76 -5.35 8.95
N ARG C 48 -36.49 -5.47 9.32
CA ARG C 48 -35.58 -4.35 9.15
C ARG C 48 -35.28 -4.13 7.68
N VAL C 49 -35.12 -2.87 7.30
CA VAL C 49 -34.85 -2.50 5.91
C VAL C 49 -33.75 -1.47 5.85
N GLY C 50 -33.11 -1.39 4.69
CA GLY C 50 -32.19 -0.31 4.40
C GLY C 50 -32.92 0.76 3.62
N CYS C 51 -32.59 2.02 3.88
CA CYS C 51 -33.33 3.14 3.30
C CYS C 51 -32.65 3.74 2.07
N TYR C 52 -31.32 3.65 1.99
CA TYR C 52 -30.58 4.23 0.89
C TYR C 52 -29.80 3.19 0.11
N ALA C 53 -29.53 3.45 -1.16
CA ALA C 53 -28.88 2.46 -2.02
C ALA C 53 -27.41 2.77 -2.26
N VAL D 3 30.56 -33.97 -2.43
CA VAL D 3 29.57 -32.92 -2.26
C VAL D 3 28.15 -33.52 -2.20
N PRO D 4 27.30 -33.01 -1.30
CA PRO D 4 25.93 -33.53 -1.20
C PRO D 4 25.13 -33.27 -2.48
N ASP D 5 24.28 -34.23 -2.85
CA ASP D 5 23.36 -34.06 -3.97
C ASP D 5 22.45 -32.87 -3.75
N ASP D 6 22.21 -32.10 -4.81
CA ASP D 6 21.17 -31.08 -4.76
C ASP D 6 19.81 -31.77 -4.61
N ARG D 7 18.89 -31.15 -3.89
CA ARG D 7 17.62 -31.78 -3.54
C ARG D 7 16.57 -30.71 -3.21
N PRO D 8 15.30 -31.12 -3.07
CA PRO D 8 14.30 -30.12 -2.66
C PRO D 8 14.54 -29.59 -1.24
N CYS D 9 14.17 -28.33 -1.01
CA CYS D 9 14.36 -27.72 0.30
C CYS D 9 13.56 -28.37 1.42
N ILE D 10 14.07 -28.25 2.63
CA ILE D 10 13.35 -28.56 3.85
C ILE D 10 13.07 -27.23 4.56
N ASN D 11 11.87 -27.09 5.10
CA ASN D 11 11.44 -25.83 5.72
C ASN D 11 11.87 -24.63 4.89
N PRO D 12 11.28 -24.49 3.68
CA PRO D 12 11.60 -23.44 2.71
C PRO D 12 11.01 -22.10 3.13
N GLY D 13 9.78 -22.13 3.62
CA GLY D 13 9.03 -20.91 3.88
C GLY D 13 8.41 -20.36 2.61
N ARG D 14 7.93 -19.13 2.68
CA ARG D 14 7.39 -18.41 1.52
C ARG D 14 8.51 -17.80 0.69
N CYS D 15 8.16 -17.40 -0.53
CA CYS D 15 9.01 -16.56 -1.37
C CYS D 15 8.18 -15.33 -1.80
N PRO D 16 8.12 -14.31 -0.93
CA PRO D 16 7.14 -13.25 -1.12
C PRO D 16 7.23 -12.52 -2.46
N LEU D 17 8.44 -12.23 -2.93
CA LEU D 17 8.59 -11.48 -4.17
C LEU D 17 8.19 -12.28 -5.42
N VAL D 18 8.33 -13.60 -5.32
CA VAL D 18 8.03 -14.50 -6.44
C VAL D 18 7.34 -15.74 -5.86
N PRO D 19 6.02 -15.63 -5.59
CA PRO D 19 5.34 -16.60 -4.74
C PRO D 19 5.40 -18.05 -5.23
N ASP D 20 5.37 -18.28 -6.54
CA ASP D 20 5.41 -19.66 -7.02
C ASP D 20 6.80 -20.14 -7.45
N ALA D 21 7.82 -19.44 -6.99
CA ALA D 21 9.20 -19.90 -7.20
C ALA D 21 9.45 -21.27 -6.56
N THR D 22 10.42 -21.99 -7.11
CA THR D 22 10.78 -23.31 -6.62
C THR D 22 12.03 -23.24 -5.77
N CYS D 23 12.02 -23.90 -4.62
CA CYS D 23 13.18 -23.90 -3.72
C CYS D 23 14.00 -25.18 -3.86
N THR D 24 15.31 -25.02 -4.09
CA THR D 24 16.22 -26.15 -4.15
C THR D 24 17.38 -25.96 -3.18
N PHE D 25 17.75 -27.02 -2.46
CA PHE D 25 18.94 -27.04 -1.62
C PHE D 25 20.12 -27.38 -2.53
N VAL D 26 21.01 -26.41 -2.72
CA VAL D 26 22.05 -26.50 -3.73
C VAL D 26 23.44 -26.37 -3.11
N CYS D 27 24.30 -27.33 -3.45
CA CYS D 27 25.63 -27.42 -2.85
C CYS D 27 26.72 -27.32 -3.89
N LYS D 28 27.84 -26.72 -3.50
CA LYS D 28 28.99 -26.63 -4.37
C LYS D 28 30.27 -26.79 -3.58
N ALA D 29 31.21 -27.55 -4.11
CA ALA D 29 32.52 -27.68 -3.47
C ALA D 29 33.09 -26.29 -3.20
N ALA D 30 33.78 -26.14 -2.07
CA ALA D 30 34.37 -24.86 -1.70
C ALA D 30 35.46 -25.05 -0.66
N ASP D 31 36.34 -24.06 -0.55
CA ASP D 31 37.49 -24.16 0.34
C ASP D 31 37.15 -23.75 1.78
N ASN D 32 36.47 -24.63 2.50
CA ASN D 32 36.14 -24.39 3.90
C ASN D 32 36.18 -25.70 4.68
N ASP D 33 35.83 -25.64 5.95
CA ASP D 33 35.92 -26.79 6.84
C ASP D 33 35.12 -27.99 6.33
N PHE D 34 33.98 -27.72 5.70
CA PHE D 34 33.11 -28.78 5.16
C PHE D 34 33.61 -29.35 3.85
N GLY D 35 34.27 -28.53 3.04
CA GLY D 35 34.66 -28.91 1.69
C GLY D 35 33.62 -28.50 0.66
N TYR D 36 32.51 -27.94 1.13
CA TYR D 36 31.43 -27.44 0.26
C TYR D 36 30.56 -26.45 1.03
N GLU D 37 29.80 -25.65 0.28
CA GLU D 37 28.83 -24.74 0.87
C GLU D 37 27.47 -25.00 0.22
N CYS D 38 26.43 -25.15 1.03
CA CYS D 38 25.08 -25.27 0.50
C CYS D 38 24.24 -24.06 0.85
N GLN D 39 23.16 -23.87 0.09
CA GLN D 39 22.22 -22.78 0.34
C GLN D 39 20.88 -23.09 -0.31
N HIS D 40 19.83 -22.39 0.11
CA HIS D 40 18.58 -22.44 -0.64
C HIS D 40 18.72 -21.55 -1.86
N VAL D 41 18.34 -22.10 -3.01
CA VAL D 41 18.27 -21.35 -4.25
C VAL D 41 16.83 -21.40 -4.79
N TRP D 42 16.26 -20.24 -5.06
CA TRP D 42 14.91 -20.17 -5.59
C TRP D 42 14.92 -19.89 -7.09
N THR D 43 14.09 -20.62 -7.85
CA THR D 43 14.05 -20.43 -9.29
C THR D 43 12.63 -20.17 -9.77
N PHE D 44 12.53 -19.39 -10.84
CA PHE D 44 11.26 -19.18 -11.51
C PHE D 44 11.53 -19.34 -12.99
N GLU D 45 10.84 -20.29 -13.62
CA GLU D 45 11.10 -20.60 -15.02
C GLU D 45 12.60 -20.90 -15.24
N GLY D 46 13.19 -21.67 -14.33
CA GLY D 46 14.55 -22.15 -14.49
C GLY D 46 15.65 -21.13 -14.25
N GLN D 47 15.26 -19.92 -13.86
CA GLN D 47 16.21 -18.84 -13.58
C GLN D 47 16.16 -18.42 -12.12
N ARG D 48 17.31 -18.07 -11.56
CA ARG D 48 17.38 -17.74 -10.14
C ARG D 48 16.72 -16.40 -9.80
N VAL D 49 16.06 -16.36 -8.64
CA VAL D 49 15.41 -15.16 -8.13
C VAL D 49 15.62 -15.03 -6.63
N GLY D 50 15.50 -13.80 -6.13
CA GLY D 50 15.52 -13.56 -4.69
C GLY D 50 14.10 -13.40 -4.17
N CYS D 51 13.87 -13.81 -2.92
CA CYS D 51 12.52 -13.87 -2.36
C CYS D 51 12.13 -12.68 -1.48
N TYR D 52 13.10 -12.14 -0.76
CA TYR D 52 12.83 -11.04 0.17
C TYR D 52 13.55 -9.75 -0.23
N ALA D 53 12.96 -8.61 0.16
CA ALA D 53 13.48 -7.30 -0.25
C ALA D 53 14.33 -6.64 0.84
#